data_7G6X
#
_entry.id   7G6X
#
_cell.length_a   84.076
_cell.length_b   91.944
_cell.length_c   119.761
_cell.angle_alpha   90.000
_cell.angle_beta   90.000
_cell.angle_gamma   90.000
#
_symmetry.space_group_name_H-M   'P 21 21 21'
#
loop_
_entity.id
_entity.type
_entity.pdbx_description
1 polymer 'Isoform 2 of Ectonucleotide pyrophosphatase/phosphodiesterase family member 2'
2 branched alpha-D-mannopyranose-(1-2)-alpha-D-mannopyranose-(1-3)-alpha-D-mannopyranose-(1-6)-[alpha-D-mannopyranose-(1-2)-alpha-D-mannopyranose-(1-3)]beta-D-mannopyranose-(1-4)-2-acetamido-2-deoxy-beta-D-glucopyranose-(1-4)-2-acetamido-2-deoxy-beta-D-glucopyranose
3 non-polymer N-[(3,4-dichlorophenyl)methyl]-2-{4-oxo-6-[4-(4-sulfamoylbutanoyl)piperazin-1-yl]quinazolin-3(4H)-yl}acetamide
4 non-polymer '2-(N-MORPHOLINO)-ETHANESULFONIC ACID'
5 non-polymer 'ACETATE ION'
6 non-polymer 'CALCIUM ION'
7 non-polymer 'ZINC ION'
8 non-polymer 'SODIUM ION'
9 water water
#
_entity_poly.entity_id   1
_entity_poly.type   'polypeptide(L)'
_entity_poly.pdbx_seq_one_letter_code
;FTASRIKRAEWDEGPPTVLSDSPWTATSGSCKGRCFELQEVGPPDCRCDNLCKSYSSCCHDFDELCLKTARGWECTKDRC
GEVRNEENACHCSEDCLSRGDCCTNYQVVCKGESHWVDDDCEEIKVPECPAGFVRPPLIIFSVDGFRASYMKKGSKVMPN
IEKLRSCGTHAPYMRPVYPTKTFPNLYTLATGLYPESHGIVGNSMYDPVFDASFHLRGREKFNHRWWGGQPLWITATKQG
VRAGTFFWSVSIPHERRILTILQWLSLPDNERPSVYAFYSEQPDFSGHKYGPFGPEMTNPLREIDKTVGQLMDGLKQLRL
HRCVNVIFVGDHGMEDVTCDRTEFLSNYLTNVDDITLVPGTLGRIRAKSINNSKYDPKTIIAALTCKKPDQHFKPYMKQH
LPKRLHYANNRRIEDIHLLVDRRWHVARKPLDVYKKPSGKCFFQGDHGFDNKVNSMQTVFVGYGPTFKYRTKVPPFENIE
LYNVMCDLLGLKPAPNNGTHGSLNHLLRTNTFRPTMPDEVSRPNYPGIMYLQSEFDLGCTCDDKVEPKNKLEELNKRLHT
KGSTKERHLLYGRPAVLYRTSYDILYHTDFESGYSEIFLMPLWTSYTISKQAEVSSIPEHLTNCVRPDVRVSPGFSQNCL
AYKNDKQMSYGFLFPPYLSSSPEAKYDAFLVTNMVPMYPAFKRVWAYFQRVLVKKYASERNGVNVISGPIFDYNYDGLRD
TEDEIKQYVEGSSIPVPTHYYSIITSCLDFTQPADKCDGPLSVSSFILPHRPDNDESCNSSEDESKWVEELMKMHTARVR
DIEHLTGLDFYRKTSRSYSEILTLKTYLHTYESEIGGRHHHHHHHH
;
_entity_poly.pdbx_strand_id   A
#
loop_
_chem_comp.id
_chem_comp.type
_chem_comp.name
_chem_comp.formula
ACT non-polymer 'ACETATE ION' 'C2 H3 O2 -1'
BMA D-saccharide, beta linking beta-D-mannopyranose 'C6 H12 O6'
CA non-polymer 'CALCIUM ION' 'Ca 2'
MAN D-saccharide, alpha linking alpha-D-mannopyranose 'C6 H12 O6'
MES non-polymer '2-(N-MORPHOLINO)-ETHANESULFONIC ACID' 'C6 H13 N O4 S'
NA non-polymer 'SODIUM ION' 'Na 1'
NAG D-saccharide, beta linking 2-acetamido-2-deoxy-beta-D-glucopyranose 'C8 H15 N O6'
Y4N non-polymer N-[(3,4-dichlorophenyl)methyl]-2-{4-oxo-6-[4-(4-sulfamoylbutanoyl)piperazin-1-yl]quinazolin-3(4H)-yl}acetamide 'C25 H28 Cl2 N6 O5 S'
ZN non-polymer 'ZINC ION' 'Zn 2'
#
# COMPACT_ATOMS: atom_id res chain seq x y z
N TRP A 24 7.68 -33.84 21.97
CA TRP A 24 7.16 -34.35 23.28
C TRP A 24 7.13 -33.28 24.36
N THR A 25 5.94 -33.09 24.98
CA THR A 25 5.77 -32.18 26.13
C THR A 25 5.55 -32.94 27.45
N ALA A 26 6.39 -32.63 28.43
CA ALA A 26 6.25 -33.13 29.80
C ALA A 26 5.17 -32.28 30.49
N THR A 27 3.91 -32.51 30.10
CA THR A 27 2.75 -31.68 30.57
C THR A 27 2.47 -31.80 32.08
N SER A 28 3.25 -32.67 32.74
CA SER A 28 3.24 -32.91 34.19
C SER A 28 3.75 -31.74 35.09
N GLY A 29 4.48 -30.75 34.54
CA GLY A 29 4.71 -29.43 35.24
C GLY A 29 3.39 -28.68 35.59
N SER A 30 3.48 -27.50 36.22
CA SER A 30 2.25 -26.75 36.66
C SER A 30 2.22 -25.24 36.32
N CYS A 31 1.04 -24.73 35.97
CA CYS A 31 0.85 -23.29 35.76
C CYS A 31 0.62 -22.42 37.01
N LYS A 32 0.66 -23.04 38.20
CA LYS A 32 0.49 -22.30 39.43
C LYS A 32 1.44 -21.08 39.48
N GLY A 33 0.88 -19.91 39.73
CA GLY A 33 1.63 -18.63 39.65
C GLY A 33 2.25 -18.22 38.30
N ARG A 34 1.87 -18.86 37.19
CA ARG A 34 2.50 -18.65 35.89
C ARG A 34 1.44 -18.36 34.81
N CYS A 35 0.19 -18.10 35.17
CA CYS A 35 -0.85 -18.04 34.11
C CYS A 35 -0.55 -16.88 33.21
N PHE A 36 -0.53 -17.10 31.90
CA PHE A 36 -0.22 -16.05 30.92
C PHE A 36 1.12 -15.39 31.14
N GLU A 37 2.08 -16.22 31.54
CA GLU A 37 3.46 -15.78 31.65
C GLU A 37 3.88 -15.19 30.31
N LEU A 38 4.73 -14.19 30.34
CA LEU A 38 5.17 -13.56 29.10
C LEU A 38 6.36 -14.24 28.44
N GLN A 39 7.28 -14.79 29.23
CA GLN A 39 8.44 -15.48 28.64
C GLN A 39 7.97 -16.90 28.39
N GLU A 40 7.98 -17.35 27.15
CA GLU A 40 7.70 -18.75 26.84
C GLU A 40 8.84 -19.66 27.31
N VAL A 41 8.51 -20.78 27.94
CA VAL A 41 9.52 -21.73 28.38
C VAL A 41 9.78 -22.77 27.31
N GLY A 42 11.02 -23.27 27.30
CA GLY A 42 11.52 -24.15 26.26
C GLY A 42 11.20 -25.62 26.51
N PRO A 43 10.84 -26.35 25.43
CA PRO A 43 10.65 -27.81 25.45
C PRO A 43 11.72 -28.58 26.25
N PRO A 44 11.36 -29.76 26.80
CA PRO A 44 9.99 -30.31 26.81
C PRO A 44 9.09 -29.75 27.93
N ASP A 45 9.58 -28.74 28.67
CA ASP A 45 8.83 -28.14 29.78
C ASP A 45 7.50 -27.62 29.27
N CYS A 46 6.46 -27.75 30.09
CA CYS A 46 5.15 -27.35 29.68
C CYS A 46 4.96 -25.83 29.81
N ARG A 47 4.01 -25.31 29.03
CA ARG A 47 3.87 -23.87 28.88
C ARG A 47 2.60 -23.35 29.51
N CYS A 48 2.58 -22.06 29.85
CA CYS A 48 1.43 -21.39 30.48
C CYS A 48 1.15 -20.04 29.81
N ASP A 49 1.80 -19.80 28.68
CA ASP A 49 1.62 -18.53 27.90
C ASP A 49 0.39 -18.54 26.99
N ASN A 50 0.06 -17.37 26.39
CA ASN A 50 -1.19 -17.29 25.61
C ASN A 50 -1.18 -18.07 24.31
N LEU A 51 -0.05 -18.71 23.96
CA LEU A 51 -0.01 -19.53 22.77
C LEU A 51 0.09 -21.04 23.05
N CYS A 52 0.19 -21.42 24.31
CA CYS A 52 0.40 -22.86 24.60
C CYS A 52 -0.66 -23.78 23.96
N LYS A 53 -1.93 -23.34 23.89
CA LYS A 53 -3.01 -24.15 23.29
C LYS A 53 -2.71 -24.45 21.84
N SER A 54 -2.09 -23.49 21.15
CA SER A 54 -1.81 -23.66 19.70
C SER A 54 -0.82 -24.78 19.47
N TYR A 55 0.09 -24.95 20.42
CA TYR A 55 1.15 -25.92 20.30
C TYR A 55 0.78 -27.23 21.00
N SER A 56 -0.43 -27.31 21.56
CA SER A 56 -0.82 -28.49 22.40
C SER A 56 0.20 -28.75 23.51
N SER A 57 0.71 -27.69 24.12
CA SER A 57 1.79 -27.84 25.10
C SER A 57 1.50 -27.22 26.46
N CYS A 58 0.26 -26.87 26.74
CA CYS A 58 -0.06 -26.29 28.05
C CYS A 58 0.16 -27.32 29.18
N CYS A 59 0.58 -26.86 30.35
CA CYS A 59 0.62 -27.77 31.54
C CYS A 59 -0.77 -28.33 31.80
N HIS A 60 -0.77 -29.48 32.48
CA HIS A 60 -1.97 -30.21 32.79
C HIS A 60 -3.05 -29.36 33.42
N ASP A 61 -2.68 -28.35 34.23
CA ASP A 61 -3.63 -27.57 35.02
C ASP A 61 -3.91 -26.16 34.47
N PHE A 62 -3.50 -25.94 33.21
CA PHE A 62 -3.74 -24.64 32.55
C PHE A 62 -5.22 -24.31 32.49
N ASP A 63 -6.09 -25.26 32.06
CA ASP A 63 -7.52 -24.84 32.07
C ASP A 63 -8.04 -24.47 33.43
N GLU A 64 -7.72 -25.30 34.43
CA GLU A 64 -8.24 -25.10 35.79
C GLU A 64 -7.78 -23.74 36.37
N LEU A 65 -6.49 -23.46 36.17
CA LEU A 65 -5.84 -22.30 36.83
C LEU A 65 -6.00 -21.00 36.02
N CYS A 66 -5.81 -21.11 34.71
CA CYS A 66 -5.71 -19.97 33.84
C CYS A 66 -6.96 -19.66 33.04
N LEU A 67 -7.85 -20.63 32.82
CA LEU A 67 -9.04 -20.35 32.05
C LEU A 67 -10.28 -20.49 32.95
N LYS A 68 -10.27 -19.85 34.10
CA LYS A 68 -11.45 -19.81 34.99
C LYS A 68 -12.64 -19.16 34.34
N THR A 69 -13.81 -19.72 34.60
CA THR A 69 -15.05 -19.21 34.01
C THR A 69 -16.16 -19.06 35.03
N ALA A 70 -15.94 -19.56 36.24
CA ALA A 70 -16.99 -19.55 37.26
C ALA A 70 -17.56 -18.17 37.48
N ARG A 71 -18.88 -18.12 37.37
CA ARG A 71 -19.71 -16.97 37.69
C ARG A 71 -19.65 -15.91 36.57
N GLY A 72 -19.03 -16.25 35.45
CA GLY A 72 -19.08 -15.39 34.27
C GLY A 72 -18.18 -14.16 34.41
N TRP A 73 -18.48 -13.13 33.64
CA TRP A 73 -17.50 -12.07 33.39
C TRP A 73 -17.95 -10.76 33.95
N GLU A 74 -19.12 -10.74 34.61
CA GLU A 74 -19.67 -9.48 35.13
C GLU A 74 -19.98 -9.52 36.63
N CYS A 75 -19.67 -8.45 37.35
CA CYS A 75 -20.12 -8.26 38.73
C CYS A 75 -21.62 -8.02 38.71
N THR A 76 -22.30 -8.42 39.79
CA THR A 76 -23.72 -8.13 39.98
C THR A 76 -23.83 -7.60 41.40
N LYS A 77 -24.94 -6.92 41.72
CA LYS A 77 -25.13 -6.30 43.05
C LYS A 77 -24.78 -7.24 44.21
N ASP A 78 -25.30 -8.46 44.17
CA ASP A 78 -25.05 -9.45 45.23
C ASP A 78 -23.58 -9.85 45.44
N ARG A 79 -22.73 -9.65 44.42
CA ARG A 79 -21.31 -10.03 44.54
C ARG A 79 -20.45 -8.93 45.16
N CYS A 80 -20.97 -7.71 45.21
CA CYS A 80 -20.19 -6.59 45.67
C CYS A 80 -19.71 -6.81 47.09
N GLY A 81 -18.42 -6.56 47.30
CA GLY A 81 -17.79 -6.82 48.60
C GLY A 81 -17.77 -8.29 49.02
N GLU A 82 -18.04 -9.21 48.09
CA GLU A 82 -17.94 -10.64 48.35
C GLU A 82 -16.59 -11.03 48.97
N VAL A 83 -16.59 -12.14 49.71
CA VAL A 83 -15.36 -12.77 50.16
C VAL A 83 -14.68 -13.40 48.93
N ARG A 84 -13.43 -13.01 48.66
CA ARG A 84 -12.69 -13.52 47.50
C ARG A 84 -12.76 -15.04 47.37
N ASN A 85 -13.11 -15.50 46.17
CA ASN A 85 -13.14 -16.90 45.86
C ASN A 85 -12.28 -17.09 44.62
N GLU A 86 -11.10 -17.72 44.79
CA GLU A 86 -10.12 -17.80 43.72
C GLU A 86 -10.57 -18.63 42.53
N GLU A 87 -11.66 -19.40 42.67
CA GLU A 87 -12.27 -20.12 41.52
C GLU A 87 -12.94 -19.21 40.48
N ASN A 88 -13.29 -18.00 40.85
CA ASN A 88 -14.15 -17.19 39.98
C ASN A 88 -13.36 -16.67 38.79
N ALA A 89 -14.03 -16.44 37.68
CA ALA A 89 -13.36 -15.88 36.47
C ALA A 89 -12.77 -14.51 36.73
N CYS A 90 -13.54 -13.69 37.42
CA CYS A 90 -13.04 -12.37 37.81
C CYS A 90 -13.70 -12.00 39.16
N HIS A 91 -13.25 -10.89 39.75
CA HIS A 91 -13.55 -10.68 41.19
C HIS A 91 -14.32 -9.42 41.47
N CYS A 92 -15.11 -9.43 42.54
CA CYS A 92 -15.87 -8.25 42.94
C CYS A 92 -15.69 -8.02 44.44
N SER A 93 -14.70 -8.69 45.00
CA SER A 93 -14.27 -8.49 46.38
C SER A 93 -13.55 -7.15 46.51
N GLU A 94 -13.51 -6.61 47.73
CA GLU A 94 -12.87 -5.31 47.95
C GLU A 94 -11.40 -5.27 47.55
N ASP A 95 -10.74 -6.42 47.53
CA ASP A 95 -9.31 -6.48 47.24
C ASP A 95 -8.98 -6.55 45.74
N CYS A 96 -10.01 -6.62 44.89
CA CYS A 96 -9.74 -6.88 43.47
C CYS A 96 -8.95 -5.77 42.77
N LEU A 97 -9.21 -4.52 43.13
CA LEU A 97 -8.44 -3.42 42.56
C LEU A 97 -6.95 -3.59 42.83
N SER A 98 -6.56 -3.89 44.08
CA SER A 98 -5.11 -4.07 44.38
C SER A 98 -4.56 -5.38 43.79
N ARG A 99 -5.42 -6.39 43.63
CA ARG A 99 -5.02 -7.63 42.94
C ARG A 99 -4.97 -7.48 41.40
N GLY A 100 -5.65 -6.45 40.86
CA GLY A 100 -5.70 -6.17 39.41
C GLY A 100 -6.60 -7.14 38.62
N ASP A 101 -7.59 -7.69 39.30
CA ASP A 101 -8.35 -8.78 38.70
C ASP A 101 -9.85 -8.66 38.91
N CYS A 102 -10.35 -7.42 39.10
CA CYS A 102 -11.79 -7.18 39.15
C CYS A 102 -12.37 -7.53 37.77
N CYS A 103 -13.67 -7.86 37.76
CA CYS A 103 -14.46 -7.86 36.53
C CYS A 103 -14.45 -6.44 36.00
N THR A 104 -14.53 -6.27 34.69
CA THR A 104 -14.33 -4.97 34.16
C THR A 104 -15.43 -4.00 34.53
N ASN A 105 -16.60 -4.50 34.93
CA ASN A 105 -17.68 -3.61 35.33
C ASN A 105 -17.79 -3.43 36.84
N TYR A 106 -16.79 -3.89 37.57
CA TYR A 106 -16.82 -3.78 39.05
C TYR A 106 -17.13 -2.40 39.62
N GLN A 107 -16.39 -1.38 39.21
CA GLN A 107 -16.58 -0.03 39.75
CA GLN A 107 -16.60 -0.07 39.80
C GLN A 107 -17.93 0.55 39.38
N VAL A 108 -18.45 0.15 38.23
CA VAL A 108 -19.79 0.55 37.81
C VAL A 108 -20.88 -0.10 38.71
N VAL A 109 -20.83 -1.41 38.88
CA VAL A 109 -21.87 -2.12 39.62
C VAL A 109 -21.79 -1.81 41.13
N CYS A 110 -20.57 -1.77 41.66
CA CYS A 110 -20.35 -1.82 43.10
C CYS A 110 -19.97 -0.50 43.67
N LYS A 111 -19.49 0.41 42.83
CA LYS A 111 -18.96 1.65 43.37
C LYS A 111 -19.60 2.88 42.77
N GLY A 112 -20.73 2.72 42.10
CA GLY A 112 -21.45 3.88 41.59
C GLY A 112 -20.86 4.63 40.41
N GLU A 113 -19.83 4.05 39.78
CA GLU A 113 -19.13 4.70 38.65
C GLU A 113 -19.88 4.53 37.34
N SER A 114 -19.57 5.37 36.36
CA SER A 114 -20.20 5.24 35.02
C SER A 114 -19.34 4.36 34.10
N HIS A 115 -19.98 3.77 33.10
CA HIS A 115 -19.24 3.12 32.02
C HIS A 115 -18.47 4.18 31.27
N TRP A 116 -17.30 3.81 30.72
CA TRP A 116 -16.51 4.78 29.96
C TRP A 116 -17.37 5.39 28.82
N VAL A 117 -18.17 4.55 28.14
CA VAL A 117 -18.92 5.02 26.95
C VAL A 117 -19.94 6.13 27.32
N ASP A 118 -20.33 6.16 28.59
CA ASP A 118 -21.32 7.14 29.01
C ASP A 118 -20.73 8.46 29.44
N ASP A 119 -19.41 8.51 29.57
CA ASP A 119 -18.77 9.77 29.92
C ASP A 119 -18.64 10.65 28.66
N ASP A 120 -18.85 11.97 28.84
CA ASP A 120 -18.63 12.95 27.76
C ASP A 120 -17.21 12.83 27.30
N CYS A 121 -16.96 13.06 26.03
CA CYS A 121 -15.56 13.07 25.76
C CYS A 121 -14.85 14.37 26.08
N GLU A 122 -13.64 14.25 26.61
CA GLU A 122 -12.83 15.40 27.00
C GLU A 122 -11.48 15.17 26.44
N GLU A 123 -10.98 16.20 25.80
CA GLU A 123 -9.65 16.21 25.20
C GLU A 123 -8.58 15.74 26.14
N ILE A 124 -7.71 14.88 25.65
CA ILE A 124 -6.58 14.40 26.45
C ILE A 124 -5.37 15.19 25.99
N LYS A 125 -5.09 16.30 26.68
CA LYS A 125 -4.06 17.19 26.19
C LYS A 125 -2.68 16.72 26.58
N VAL A 126 -2.58 16.04 27.74
CA VAL A 126 -1.38 15.44 28.17
C VAL A 126 -1.65 14.04 28.72
N PRO A 127 -0.65 13.15 28.73
CA PRO A 127 -0.95 11.84 29.32
C PRO A 127 -1.20 12.00 30.80
N GLU A 128 -2.22 11.34 31.33
CA GLU A 128 -2.54 11.34 32.76
C GLU A 128 -2.29 9.91 33.26
N CYS A 129 -1.07 9.61 33.69
CA CYS A 129 -0.66 8.22 33.92
C CYS A 129 -0.32 8.01 35.42
N PRO A 130 -0.58 6.82 35.95
CA PRO A 130 -0.14 6.53 37.35
C PRO A 130 1.36 6.62 37.51
N ALA A 131 1.80 6.83 38.76
CA ALA A 131 3.24 6.87 39.00
C ALA A 131 3.87 5.52 38.63
N GLY A 132 5.07 5.58 38.06
CA GLY A 132 5.79 4.41 37.64
C GLY A 132 5.60 4.12 36.15
N PHE A 133 4.60 4.74 35.53
CA PHE A 133 4.46 4.63 34.05
C PHE A 133 5.50 5.55 33.29
N VAL A 134 6.49 4.94 32.59
CA VAL A 134 7.61 5.67 31.87
C VAL A 134 7.16 6.31 30.53
N ARG A 135 6.08 5.76 29.96
CA ARG A 135 5.54 6.18 28.68
C ARG A 135 4.07 5.69 28.63
N PRO A 136 3.18 6.35 27.87
CA PRO A 136 1.87 5.80 27.62
C PRO A 136 1.99 4.40 26.93
N PRO A 137 1.38 3.39 27.51
CA PRO A 137 1.32 2.09 26.83
C PRO A 137 0.55 2.24 25.50
N LEU A 138 0.81 1.28 24.59
CA LEU A 138 0.07 1.22 23.33
C LEU A 138 -0.73 -0.11 23.37
N ILE A 139 -2.04 -0.05 23.10
CA ILE A 139 -2.87 -1.27 22.96
C ILE A 139 -3.41 -1.31 21.52
N ILE A 140 -3.06 -2.38 20.78
CA ILE A 140 -3.54 -2.48 19.41
C ILE A 140 -4.73 -3.45 19.47
N PHE A 141 -5.87 -3.00 19.00
CA PHE A 141 -7.09 -3.85 19.08
C PHE A 141 -7.41 -4.19 17.61
N SER A 142 -7.08 -5.40 17.17
CA SER A 142 -7.20 -5.77 15.75
C SER A 142 -8.48 -6.54 15.52
N VAL A 143 -9.26 -6.13 14.50
CA VAL A 143 -10.55 -6.82 14.20
C VAL A 143 -10.48 -7.39 12.79
N ASP A 144 -10.64 -8.70 12.65
CA ASP A 144 -10.51 -9.39 11.37
C ASP A 144 -11.78 -9.16 10.55
N GLY A 145 -11.64 -8.79 9.29
CA GLY A 145 -12.77 -8.65 8.36
C GLY A 145 -13.65 -7.44 8.63
N PHE A 146 -13.13 -6.43 9.37
CA PHE A 146 -13.93 -5.30 9.73
C PHE A 146 -13.90 -4.26 8.57
N ARG A 147 -14.92 -4.37 7.72
CA ARG A 147 -15.08 -3.53 6.53
C ARG A 147 -15.26 -2.05 6.92
N ALA A 148 -14.63 -1.13 6.16
CA ALA A 148 -14.63 0.25 6.54
C ALA A 148 -16.03 0.81 6.74
N SER A 149 -16.96 0.41 5.87
CA SER A 149 -18.28 0.98 5.97
C SER A 149 -19.05 0.54 7.21
N TYR A 150 -18.57 -0.46 7.94
CA TYR A 150 -19.25 -0.80 9.20
C TYR A 150 -19.24 0.35 10.17
N MET A 151 -18.25 1.26 10.06
CA MET A 151 -18.14 2.34 11.06
C MET A 151 -19.36 3.22 10.99
N LYS A 152 -19.86 3.50 9.77
CA LYS A 152 -21.07 4.26 9.66
C LYS A 152 -22.35 3.39 9.71
N LYS A 153 -22.35 2.28 8.96
CA LYS A 153 -23.53 1.43 8.82
C LYS A 153 -23.89 0.73 10.12
N GLY A 154 -22.88 0.44 10.93
CA GLY A 154 -23.11 -0.23 12.22
C GLY A 154 -23.06 0.70 13.43
N SER A 155 -22.97 2.02 13.23
CA SER A 155 -22.66 2.96 14.32
C SER A 155 -23.68 2.96 15.44
N LYS A 156 -24.94 2.69 15.10
CA LYS A 156 -26.04 2.61 16.10
C LYS A 156 -25.92 1.44 17.07
N VAL A 157 -25.17 0.41 16.71
CA VAL A 157 -25.05 -0.75 17.57
C VAL A 157 -23.60 -0.89 18.18
N MET A 158 -22.77 0.12 17.93
CA MET A 158 -21.36 0.08 18.43
C MET A 158 -21.00 1.38 19.15
N PRO A 159 -21.67 1.68 20.29
CA PRO A 159 -21.44 2.97 20.94
C PRO A 159 -20.00 3.17 21.43
N ASN A 160 -19.33 2.12 21.94
CA ASN A 160 -17.94 2.30 22.42
C ASN A 160 -17.01 2.63 21.26
N ILE A 161 -17.16 1.89 20.17
CA ILE A 161 -16.33 2.13 18.98
C ILE A 161 -16.63 3.52 18.39
N GLU A 162 -17.91 3.90 18.36
CA GLU A 162 -18.28 5.19 17.86
C GLU A 162 -17.69 6.33 18.70
N LYS A 163 -17.62 6.11 20.01
CA LYS A 163 -16.95 7.12 20.87
C LYS A 163 -15.42 7.20 20.59
N LEU A 164 -14.76 6.06 20.45
CA LEU A 164 -13.35 6.10 20.05
C LEU A 164 -13.19 6.89 18.75
N ARG A 165 -14.03 6.59 17.78
CA ARG A 165 -13.88 7.19 16.48
C ARG A 165 -14.11 8.68 16.48
N SER A 166 -15.22 9.08 17.09
CA SER A 166 -15.61 10.49 17.10
C SER A 166 -14.72 11.38 17.99
N CYS A 167 -14.22 10.81 19.08
CA CYS A 167 -13.41 11.57 20.01
CA CYS A 167 -13.40 11.56 20.05
C CYS A 167 -11.92 11.56 19.69
N GLY A 168 -11.47 10.50 19.02
CA GLY A 168 -10.04 10.40 18.70
C GLY A 168 -9.72 10.89 17.30
N THR A 169 -8.79 10.17 16.67
CA THR A 169 -8.35 10.44 15.31
C THR A 169 -8.80 9.29 14.44
N HIS A 170 -9.46 9.58 13.32
CA HIS A 170 -9.96 8.42 12.51
C HIS A 170 -9.76 8.73 11.04
N ALA A 171 -9.64 7.68 10.24
CA ALA A 171 -9.71 7.85 8.79
C ALA A 171 -11.05 7.30 8.31
N PRO A 172 -11.53 7.79 7.16
CA PRO A 172 -12.80 7.21 6.69
C PRO A 172 -12.60 5.76 6.25
N TYR A 173 -11.36 5.42 5.86
CA TYR A 173 -10.98 4.02 5.62
C TYR A 173 -9.47 3.94 5.55
N MET A 174 -8.99 2.72 5.73
CA MET A 174 -7.55 2.43 5.63
C MET A 174 -7.40 1.34 4.57
N ARG A 175 -6.42 1.52 3.68
CA ARG A 175 -6.19 0.57 2.56
C ARG A 175 -5.29 -0.55 3.02
N PRO A 176 -5.76 -1.81 2.87
CA PRO A 176 -4.97 -2.98 3.20
C PRO A 176 -3.93 -3.23 2.09
N VAL A 177 -3.02 -4.19 2.30
CA VAL A 177 -2.12 -4.65 1.22
C VAL A 177 -2.74 -5.81 0.43
N TYR A 178 -2.23 -6.03 -0.75
CA TYR A 178 -2.67 -7.18 -1.58
C TYR A 178 -1.77 -8.35 -1.29
N PRO A 179 -2.34 -9.59 -1.19
CA PRO A 179 -3.73 -9.89 -1.24
C PRO A 179 -4.40 -9.53 0.07
N THR A 180 -5.68 -9.16 -0.05
CA THR A 180 -6.44 -8.70 1.10
C THR A 180 -6.92 -9.90 1.93
N LYS A 181 -5.93 -10.64 2.45
CA LYS A 181 -6.12 -11.83 3.26
C LYS A 181 -5.56 -11.50 4.68
N THR A 182 -5.90 -12.33 5.65
CA THR A 182 -5.57 -12.09 7.06
C THR A 182 -4.11 -12.03 7.39
N PHE A 183 -3.40 -13.11 7.12
CA PHE A 183 -2.02 -13.20 7.56
C PHE A 183 -1.10 -12.19 6.83
N PRO A 184 -1.25 -11.99 5.50
CA PRO A 184 -0.45 -10.97 4.87
C PRO A 184 -0.72 -9.61 5.50
N ASN A 185 -1.98 -9.28 5.76
CA ASN A 185 -2.27 -7.94 6.37
C ASN A 185 -1.88 -7.77 7.82
N LEU A 186 -2.20 -8.75 8.68
CA LEU A 186 -1.75 -8.59 10.09
C LEU A 186 -0.24 -8.53 10.17
N TYR A 187 0.49 -9.28 9.35
CA TYR A 187 1.95 -9.21 9.45
C TYR A 187 2.50 -7.92 8.83
N THR A 188 1.84 -7.39 7.81
CA THR A 188 2.17 -6.05 7.32
C THR A 188 1.94 -5.01 8.42
N LEU A 189 0.84 -5.10 9.17
CA LEU A 189 0.59 -4.13 10.24
C LEU A 189 1.77 -4.20 11.21
N ALA A 190 2.26 -5.38 11.50
CA ALA A 190 3.31 -5.58 12.51
C ALA A 190 4.71 -5.20 12.02
N THR A 191 4.93 -5.11 10.72
CA THR A 191 6.30 -4.92 10.21
C THR A 191 6.51 -3.67 9.36
N GLY A 192 5.43 -3.07 8.83
CA GLY A 192 5.53 -1.97 7.87
C GLY A 192 5.98 -2.46 6.47
N LEU A 193 6.01 -3.76 6.24
CA LEU A 193 6.53 -4.27 4.97
C LEU A 193 5.42 -4.78 4.04
N TYR A 194 5.64 -4.65 2.74
CA TYR A 194 4.78 -5.36 1.77
C TYR A 194 4.95 -6.89 1.98
N PRO A 195 3.87 -7.65 1.72
CA PRO A 195 4.01 -9.13 1.75
C PRO A 195 5.14 -9.69 0.90
N GLU A 196 5.48 -9.13 -0.26
CA GLU A 196 6.62 -9.68 -1.01
C GLU A 196 7.93 -9.58 -0.24
N SER A 197 8.06 -8.60 0.70
CA SER A 197 9.28 -8.44 1.46
C SER A 197 9.22 -9.17 2.80
N HIS A 198 8.07 -9.19 3.49
CA HIS A 198 8.01 -9.97 4.74
C HIS A 198 7.82 -11.48 4.52
N GLY A 199 7.31 -11.87 3.34
CA GLY A 199 7.30 -13.31 2.99
C GLY A 199 5.98 -13.98 3.22
N ILE A 200 5.06 -13.35 3.97
CA ILE A 200 3.75 -13.94 4.16
C ILE A 200 2.83 -13.45 3.02
N VAL A 201 2.92 -14.15 1.88
CA VAL A 201 2.38 -13.62 0.62
C VAL A 201 0.99 -14.17 0.37
N GLY A 202 0.52 -15.07 1.22
CA GLY A 202 -0.88 -15.50 1.22
C GLY A 202 -1.11 -16.25 2.55
N ASN A 203 -2.35 -16.67 2.74
CA ASN A 203 -2.70 -17.57 3.84
C ASN A 203 -2.15 -19.01 3.59
N SER A 204 -1.94 -19.38 2.31
CA SER A 204 -1.26 -20.65 1.91
C SER A 204 -0.08 -20.38 0.99
N MET A 205 1.04 -21.07 1.20
CA MET A 205 2.23 -20.82 0.38
C MET A 205 3.08 -22.07 0.20
N TYR A 206 3.73 -22.17 -0.95
CA TYR A 206 4.81 -23.17 -1.13
C TYR A 206 6.13 -22.45 -1.34
N ASP A 207 7.16 -22.77 -0.58
CA ASP A 207 8.48 -22.17 -0.82
C ASP A 207 9.35 -23.27 -1.49
N PRO A 208 9.76 -23.05 -2.73
CA PRO A 208 10.47 -24.10 -3.48
C PRO A 208 11.89 -24.30 -2.98
N VAL A 209 12.45 -23.35 -2.22
CA VAL A 209 13.81 -23.50 -1.72
C VAL A 209 13.78 -24.37 -0.47
N PHE A 210 12.82 -24.06 0.41
CA PHE A 210 12.55 -24.86 1.61
C PHE A 210 12.02 -26.23 1.17
N ASP A 211 11.37 -26.31 -0.02
CA ASP A 211 10.46 -27.39 -0.36
C ASP A 211 9.52 -27.64 0.84
N ALA A 212 8.77 -26.62 1.20
CA ALA A 212 7.87 -26.80 2.35
C ALA A 212 6.64 -25.94 2.08
N SER A 213 5.52 -26.29 2.72
CA SER A 213 4.25 -25.58 2.55
C SER A 213 3.78 -24.94 3.86
N PHE A 214 3.22 -23.73 3.74
CA PHE A 214 2.71 -22.96 4.92
C PHE A 214 1.21 -22.97 4.77
N HIS A 215 0.49 -23.25 5.87
CA HIS A 215 -1.00 -23.14 5.89
C HIS A 215 -1.51 -22.51 7.21
N LEU A 216 -2.72 -21.96 7.15
CA LEU A 216 -3.36 -21.35 8.32
C LEU A 216 -3.50 -22.35 9.47
N ARG A 217 -3.91 -23.56 9.11
CA ARG A 217 -3.99 -24.73 10.00
C ARG A 217 -2.65 -25.46 10.09
N GLY A 218 -2.22 -25.80 11.30
CA GLY A 218 -1.06 -26.64 11.42
C GLY A 218 0.15 -25.91 11.93
N ARG A 219 1.25 -26.63 11.96
CA ARG A 219 2.40 -26.23 12.71
C ARG A 219 3.53 -25.61 11.89
N GLU A 220 3.58 -25.88 10.58
CA GLU A 220 4.67 -25.36 9.73
C GLU A 220 4.77 -23.82 9.91
N LYS A 221 3.61 -23.18 10.03
CA LYS A 221 3.53 -21.72 10.20
C LYS A 221 4.17 -21.24 11.51
N PHE A 222 4.45 -22.13 12.49
CA PHE A 222 5.13 -21.71 13.72
C PHE A 222 6.60 -21.48 13.50
N ASN A 223 7.15 -22.08 12.40
CA ASN A 223 8.58 -22.01 12.12
C ASN A 223 8.90 -20.56 11.67
N HIS A 224 9.80 -19.89 12.36
CA HIS A 224 10.13 -18.48 12.08
C HIS A 224 10.74 -18.26 10.70
N ARG A 225 11.25 -19.31 10.05
CA ARG A 225 11.85 -19.11 8.71
C ARG A 225 10.90 -18.49 7.65
N TRP A 226 9.60 -18.61 7.84
CA TRP A 226 8.63 -18.01 6.90
C TRP A 226 8.48 -16.51 7.07
N TRP A 227 8.83 -16.02 8.26
CA TRP A 227 8.36 -14.71 8.69
C TRP A 227 9.55 -13.78 8.67
N GLY A 228 9.61 -12.90 7.66
CA GLY A 228 10.79 -12.03 7.48
C GLY A 228 10.49 -10.67 8.11
N GLY A 229 11.42 -9.74 7.94
CA GLY A 229 11.26 -8.41 8.56
C GLY A 229 11.42 -8.47 10.06
N GLN A 230 11.05 -7.40 10.74
CA GLN A 230 11.19 -7.34 12.18
C GLN A 230 9.87 -6.82 12.72
N PRO A 231 9.08 -7.68 13.31
CA PRO A 231 7.76 -7.19 13.82
C PRO A 231 7.92 -6.29 15.03
N LEU A 232 6.89 -5.49 15.28
CA LEU A 232 6.95 -4.44 16.32
C LEU A 232 7.36 -5.02 17.69
N TRP A 233 6.89 -6.22 18.07
CA TRP A 233 7.30 -6.74 19.40
C TRP A 233 8.81 -6.97 19.49
N ILE A 234 9.43 -7.35 18.39
CA ILE A 234 10.90 -7.55 18.35
C ILE A 234 11.65 -6.24 18.32
N THR A 235 11.15 -5.30 17.50
CA THR A 235 11.72 -3.93 17.50
C THR A 235 11.71 -3.34 18.91
N ALA A 236 10.59 -3.50 19.60
CA ALA A 236 10.45 -2.96 20.96
C ALA A 236 11.49 -3.65 21.87
N THR A 237 11.48 -4.98 21.84
CA THR A 237 12.30 -5.77 22.80
C THR A 237 13.78 -5.44 22.63
N LYS A 238 14.26 -5.38 21.40
CA LYS A 238 15.64 -4.95 21.12
C LYS A 238 16.01 -3.57 21.63
N GLN A 239 15.03 -2.67 21.77
CA GLN A 239 15.34 -1.35 22.19
C GLN A 239 14.93 -1.12 23.64
N GLY A 240 14.67 -2.20 24.37
CA GLY A 240 14.42 -2.15 25.80
C GLY A 240 13.02 -1.74 26.17
N VAL A 241 12.05 -1.95 25.26
CA VAL A 241 10.64 -1.69 25.56
C VAL A 241 9.99 -3.09 25.59
N ARG A 242 9.41 -3.51 26.72
CA ARG A 242 8.85 -4.86 26.83
C ARG A 242 7.53 -5.08 26.02
N ALA A 243 7.47 -6.20 25.30
CA ALA A 243 6.40 -6.49 24.31
C ALA A 243 6.51 -7.95 24.00
N GLY A 244 5.42 -8.70 24.21
CA GLY A 244 5.31 -10.11 23.67
C GLY A 244 4.71 -10.13 22.25
N THR A 245 4.61 -11.31 21.61
CA THR A 245 4.00 -11.38 20.25
C THR A 245 2.50 -11.02 20.30
N PHE A 246 1.95 -10.78 19.13
CA PHE A 246 0.60 -10.26 19.03
C PHE A 246 -0.40 -11.40 18.67
N PHE A 247 0.09 -12.64 18.60
CA PHE A 247 -0.75 -13.81 18.30
C PHE A 247 -1.61 -14.22 19.53
N TRP A 248 -2.78 -14.86 19.30
CA TRP A 248 -3.57 -15.41 20.41
C TRP A 248 -4.11 -16.80 20.01
N SER A 249 -4.10 -17.76 20.95
CA SER A 249 -4.74 -19.09 20.68
C SER A 249 -6.24 -18.92 20.55
N VAL A 250 -6.83 -19.53 19.51
CA VAL A 250 -8.23 -19.18 19.16
C VAL A 250 -9.20 -19.55 20.27
N SER A 251 -8.88 -20.56 21.10
CA SER A 251 -9.89 -21.05 22.07
C SER A 251 -9.93 -20.20 23.35
N ILE A 252 -9.03 -19.22 23.46
CA ILE A 252 -9.10 -18.33 24.64
CA ILE A 252 -9.09 -18.33 24.64
C ILE A 252 -10.21 -17.32 24.40
N PRO A 253 -11.26 -17.30 25.29
CA PRO A 253 -12.35 -16.41 24.99
C PRO A 253 -11.93 -14.95 25.04
N HIS A 254 -12.62 -14.08 24.30
CA HIS A 254 -12.24 -12.65 24.31
C HIS A 254 -12.27 -12.00 25.69
N GLU A 255 -13.22 -12.39 26.53
CA GLU A 255 -13.29 -11.80 27.85
C GLU A 255 -12.02 -12.14 28.64
N ARG A 256 -11.43 -13.33 28.42
CA ARG A 256 -10.21 -13.73 29.12
C ARG A 256 -9.01 -13.00 28.52
N ARG A 257 -9.02 -12.79 27.19
CA ARG A 257 -7.97 -11.97 26.59
C ARG A 257 -7.93 -10.58 27.20
N ILE A 258 -9.06 -9.92 27.33
CA ILE A 258 -9.14 -8.57 27.93
C ILE A 258 -8.66 -8.63 29.38
N LEU A 259 -9.19 -9.58 30.15
CA LEU A 259 -8.71 -9.65 31.55
C LEU A 259 -7.21 -9.89 31.66
N THR A 260 -6.64 -10.68 30.76
CA THR A 260 -5.20 -10.93 30.75
C THR A 260 -4.43 -9.64 30.45
N ILE A 261 -4.86 -8.87 29.47
CA ILE A 261 -4.26 -7.56 29.19
C ILE A 261 -4.31 -6.62 30.44
N LEU A 262 -5.45 -6.57 31.13
CA LEU A 262 -5.62 -5.69 32.27
C LEU A 262 -4.75 -6.18 33.42
N GLN A 263 -4.62 -7.49 33.57
CA GLN A 263 -3.70 -8.05 34.57
C GLN A 263 -2.25 -7.72 34.27
N TRP A 264 -1.82 -7.87 33.00
CA TRP A 264 -0.42 -7.50 32.65
C TRP A 264 -0.16 -6.02 32.95
N LEU A 265 -1.19 -5.17 32.76
CA LEU A 265 -1.01 -3.74 32.98
C LEU A 265 -0.86 -3.40 34.46
N SER A 266 -1.18 -4.36 35.31
CA SER A 266 -1.02 -4.23 36.79
C SER A 266 0.28 -4.83 37.28
N LEU A 267 1.11 -5.33 36.38
CA LEU A 267 2.42 -5.85 36.79
C LEU A 267 3.28 -4.68 37.37
N PRO A 268 4.26 -5.02 38.22
CA PRO A 268 5.26 -4.03 38.62
C PRO A 268 5.97 -3.39 37.43
N ASP A 269 6.37 -2.15 37.65
CA ASP A 269 6.99 -1.35 36.59
C ASP A 269 8.03 -2.05 35.74
N ASN A 270 9.00 -2.70 36.37
CA ASN A 270 10.08 -3.38 35.68
C ASN A 270 9.65 -4.64 34.91
N GLU A 271 8.41 -5.12 35.14
CA GLU A 271 7.91 -6.37 34.59
C GLU A 271 6.82 -6.12 33.54
N ARG A 272 6.24 -4.92 33.56
CA ARG A 272 5.04 -4.61 32.77
C ARG A 272 5.38 -4.34 31.30
N PRO A 273 4.66 -4.98 30.36
CA PRO A 273 4.89 -4.56 28.99
C PRO A 273 4.41 -3.12 28.67
N SER A 274 5.01 -2.56 27.63
CA SER A 274 4.55 -1.27 27.10
C SER A 274 3.68 -1.41 25.87
N VAL A 275 3.59 -2.59 25.29
CA VAL A 275 2.73 -2.70 24.10
C VAL A 275 1.95 -4.00 24.25
N TYR A 276 0.70 -3.95 23.81
CA TYR A 276 -0.26 -5.03 24.03
C TYR A 276 -1.07 -5.15 22.74
N ALA A 277 -1.50 -6.39 22.45
CA ALA A 277 -2.32 -6.62 21.25
C ALA A 277 -3.49 -7.48 21.64
N PHE A 278 -4.67 -7.07 21.22
CA PHE A 278 -5.86 -7.89 21.33
C PHE A 278 -6.23 -8.24 19.87
N TYR A 279 -6.63 -9.48 19.60
CA TYR A 279 -7.10 -9.88 18.28
C TYR A 279 -8.51 -10.44 18.37
N SER A 280 -9.39 -10.04 17.43
CA SER A 280 -10.75 -10.66 17.33
C SER A 280 -10.92 -11.35 15.96
N GLU A 281 -11.34 -12.61 15.97
CA GLU A 281 -11.62 -13.33 14.77
C GLU A 281 -12.91 -12.85 14.12
N GLN A 282 -13.70 -12.06 14.83
CA GLN A 282 -14.91 -11.44 14.31
C GLN A 282 -14.63 -9.99 13.90
N PRO A 283 -15.39 -9.44 12.95
CA PRO A 283 -16.57 -9.99 12.31
C PRO A 283 -16.29 -10.94 11.13
N ASP A 284 -15.01 -11.18 10.78
CA ASP A 284 -14.66 -12.04 9.62
C ASP A 284 -15.38 -13.40 9.66
N PHE A 285 -15.36 -14.03 10.82
CA PHE A 285 -15.93 -15.40 10.91
C PHE A 285 -17.40 -15.43 10.43
N SER A 286 -18.23 -14.55 10.96
CA SER A 286 -19.61 -14.50 10.58
C SER A 286 -19.78 -13.95 9.17
N GLY A 287 -18.95 -12.96 8.80
CA GLY A 287 -19.03 -12.38 7.43
C GLY A 287 -18.84 -13.43 6.33
N HIS A 288 -17.94 -14.40 6.50
CA HIS A 288 -17.83 -15.46 5.49
C HIS A 288 -19.16 -16.22 5.36
N LYS A 289 -19.84 -16.42 6.50
CA LYS A 289 -21.06 -17.26 6.49
C LYS A 289 -22.25 -16.49 5.95
N TYR A 290 -22.35 -15.18 6.28
CA TYR A 290 -23.58 -14.40 6.07
C TYR A 290 -23.46 -13.29 5.06
N GLY A 291 -22.24 -13.03 4.54
CA GLY A 291 -22.02 -11.83 3.69
C GLY A 291 -21.75 -10.61 4.55
N PRO A 292 -21.17 -9.57 3.96
CA PRO A 292 -20.79 -8.42 4.74
C PRO A 292 -21.96 -7.75 5.47
N PHE A 293 -23.17 -7.74 4.87
CA PHE A 293 -24.30 -7.04 5.46
C PHE A 293 -25.48 -7.95 5.79
N GLY A 294 -25.21 -9.25 5.87
CA GLY A 294 -26.23 -10.22 6.33
C GLY A 294 -26.85 -9.73 7.63
N PRO A 295 -28.18 -9.87 7.80
CA PRO A 295 -28.81 -9.50 9.07
C PRO A 295 -28.16 -10.19 10.29
N GLU A 296 -27.53 -11.35 10.10
CA GLU A 296 -26.81 -12.04 11.18
C GLU A 296 -25.57 -11.26 11.64
N MET A 297 -25.19 -10.24 10.88
CA MET A 297 -23.93 -9.51 11.21
C MET A 297 -24.09 -8.48 12.32
N THR A 298 -25.31 -8.11 12.69
CA THR A 298 -25.50 -7.09 13.75
C THR A 298 -24.96 -7.60 15.08
N ASN A 299 -25.27 -8.85 15.40
CA ASN A 299 -24.83 -9.41 16.69
C ASN A 299 -23.31 -9.50 16.87
N PRO A 300 -22.58 -9.99 15.86
CA PRO A 300 -21.11 -9.91 16.02
C PRO A 300 -20.57 -8.48 16.21
N LEU A 301 -21.15 -7.47 15.53
CA LEU A 301 -20.72 -6.08 15.72
C LEU A 301 -21.05 -5.61 17.15
N ARG A 302 -22.23 -5.94 17.66
CA ARG A 302 -22.55 -5.69 19.04
C ARG A 302 -21.53 -6.34 20.00
N GLU A 303 -21.13 -7.56 19.68
CA GLU A 303 -20.30 -8.31 20.65
C GLU A 303 -18.88 -7.68 20.65
N ILE A 304 -18.38 -7.30 19.47
CA ILE A 304 -17.07 -6.63 19.43
C ILE A 304 -17.16 -5.27 20.15
N ASP A 305 -18.23 -4.51 19.97
CA ASP A 305 -18.36 -3.29 20.74
C ASP A 305 -18.37 -3.51 22.25
N LYS A 306 -19.03 -4.58 22.66
CA LYS A 306 -19.05 -4.89 24.08
C LYS A 306 -17.64 -5.18 24.62
N THR A 307 -16.86 -5.92 23.86
CA THR A 307 -15.45 -6.20 24.20
C THR A 307 -14.63 -4.88 24.31
N VAL A 308 -14.78 -3.97 23.35
CA VAL A 308 -14.13 -2.64 23.48
C VAL A 308 -14.55 -1.95 24.78
N GLY A 309 -15.85 -2.02 25.12
CA GLY A 309 -16.41 -1.42 26.35
C GLY A 309 -15.77 -2.02 27.59
N GLN A 310 -15.55 -3.34 27.58
CA GLN A 310 -14.85 -4.05 28.69
C GLN A 310 -13.44 -3.52 28.88
N LEU A 311 -12.71 -3.39 27.76
CA LEU A 311 -11.34 -2.88 27.81
C LEU A 311 -11.34 -1.47 28.35
N MET A 312 -12.21 -0.60 27.81
CA MET A 312 -12.19 0.81 28.24
C MET A 312 -12.63 0.94 29.72
N ASP A 313 -13.65 0.20 30.12
CA ASP A 313 -14.03 0.19 31.54
C ASP A 313 -12.90 -0.28 32.42
N GLY A 314 -12.27 -1.37 32.02
CA GLY A 314 -11.10 -1.86 32.74
C GLY A 314 -9.97 -0.84 32.82
N LEU A 315 -9.67 -0.13 31.71
CA LEU A 315 -8.64 0.92 31.77
C LEU A 315 -9.07 2.01 32.75
N LYS A 316 -10.33 2.41 32.68
CA LYS A 316 -10.83 3.46 33.57
C LYS A 316 -10.68 3.06 35.05
N GLN A 317 -10.98 1.79 35.37
CA GLN A 317 -10.70 1.22 36.75
C GLN A 317 -9.27 1.35 37.17
N LEU A 318 -8.34 1.12 36.23
CA LEU A 318 -6.95 1.19 36.52
C LEU A 318 -6.42 2.64 36.42
N ARG A 319 -7.28 3.62 36.18
CA ARG A 319 -6.89 5.02 35.96
C ARG A 319 -5.90 5.14 34.81
N LEU A 320 -6.18 4.36 33.74
CA LEU A 320 -5.34 4.38 32.54
C LEU A 320 -6.07 4.86 31.31
N HIS A 321 -7.33 5.24 31.44
CA HIS A 321 -8.12 5.54 30.26
C HIS A 321 -7.72 6.86 29.59
N ARG A 322 -6.92 7.68 30.29
CA ARG A 322 -6.37 8.92 29.72
C ARG A 322 -4.81 8.87 29.71
N CYS A 323 -4.28 7.65 29.68
CA CYS A 323 -2.86 7.36 29.66
C CYS A 323 -2.52 6.50 28.42
N VAL A 324 -3.31 5.48 28.12
CA VAL A 324 -2.96 4.52 27.06
C VAL A 324 -3.32 5.11 25.70
N ASN A 325 -2.49 4.84 24.68
CA ASN A 325 -2.95 5.02 23.32
C ASN A 325 -3.58 3.71 22.80
N VAL A 326 -4.77 3.83 22.23
CA VAL A 326 -5.49 2.65 21.73
C VAL A 326 -5.58 2.80 20.20
N ILE A 327 -5.26 1.75 19.48
CA ILE A 327 -5.45 1.75 18.04
C ILE A 327 -6.49 0.65 17.76
N PHE A 328 -7.54 1.04 17.07
CA PHE A 328 -8.60 0.09 16.68
C PHE A 328 -8.42 -0.03 15.16
N VAL A 329 -8.08 -1.23 14.68
CA VAL A 329 -7.62 -1.38 13.31
C VAL A 329 -8.06 -2.74 12.77
N GLY A 330 -8.42 -2.73 11.49
CA GLY A 330 -8.82 -3.96 10.78
C GLY A 330 -7.75 -4.44 9.84
N ASP A 331 -7.88 -5.70 9.39
CA ASP A 331 -6.92 -6.23 8.42
C ASP A 331 -7.41 -6.09 6.95
N HIS A 332 -8.73 -6.17 6.72
CA HIS A 332 -9.34 -6.15 5.34
C HIS A 332 -10.83 -6.09 5.54
N GLY A 333 -11.58 -5.83 4.46
CA GLY A 333 -13.04 -5.83 4.58
C GLY A 333 -13.60 -7.21 4.15
N MET A 334 -14.75 -7.18 3.45
CA MET A 334 -15.45 -8.43 3.14
C MET A 334 -16.41 -8.08 2.02
N GLU A 335 -16.45 -8.96 1.04
CA GLU A 335 -17.35 -8.76 -0.12
C GLU A 335 -18.39 -9.91 -0.23
N ASP A 336 -19.47 -9.65 -0.97
CA ASP A 336 -20.50 -10.74 -1.24
C ASP A 336 -19.94 -11.68 -2.29
N VAL A 337 -19.81 -12.96 -1.96
CA VAL A 337 -19.19 -13.93 -2.87
C VAL A 337 -19.94 -15.21 -2.57
N THR A 338 -20.51 -15.82 -3.62
CA THR A 338 -21.23 -17.12 -3.44
C THR A 338 -20.71 -18.16 -4.42
N CYS A 339 -20.94 -19.45 -4.10
CA CYS A 339 -20.34 -20.60 -4.84
C CYS A 339 -20.74 -20.59 -6.28
N ASP A 340 -21.88 -19.99 -6.60
CA ASP A 340 -22.25 -19.91 -8.00
C ASP A 340 -21.44 -18.94 -8.84
N ARG A 341 -20.73 -18.01 -8.17
CA ARG A 341 -19.88 -17.07 -8.92
C ARG A 341 -18.45 -17.57 -8.87
N THR A 342 -18.23 -18.72 -9.50
CA THR A 342 -16.92 -19.33 -9.58
C THR A 342 -16.64 -19.59 -11.07
N GLU A 343 -15.50 -19.09 -11.55
CA GLU A 343 -14.91 -19.47 -12.87
C GLU A 343 -14.07 -20.72 -12.70
N PHE A 344 -14.17 -21.68 -13.64
CA PHE A 344 -13.38 -22.89 -13.53
C PHE A 344 -12.30 -22.99 -14.59
N LEU A 345 -11.06 -23.26 -14.21
CA LEU A 345 -9.97 -23.31 -15.19
C LEU A 345 -10.17 -24.51 -16.19
N SER A 346 -10.89 -25.54 -15.74
CA SER A 346 -11.24 -26.71 -16.60
C SER A 346 -12.13 -26.28 -17.78
N ASN A 347 -12.74 -25.10 -17.73
CA ASN A 347 -13.43 -24.54 -18.89
C ASN A 347 -12.55 -23.74 -19.87
N TYR A 348 -11.24 -23.65 -19.58
CA TYR A 348 -10.31 -22.95 -20.43
C TYR A 348 -9.13 -23.77 -20.89
N LEU A 349 -8.60 -24.62 -20.01
CA LEU A 349 -7.33 -25.29 -20.24
C LEU A 349 -7.67 -26.72 -20.68
N THR A 350 -6.86 -27.28 -21.58
CA THR A 350 -7.06 -28.70 -21.88
C THR A 350 -6.31 -29.49 -20.80
N ASN A 351 -5.12 -28.99 -20.45
CA ASN A 351 -4.17 -29.62 -19.54
C ASN A 351 -4.39 -29.41 -18.03
N VAL A 352 -5.64 -29.20 -17.62
CA VAL A 352 -5.89 -28.76 -16.20
C VAL A 352 -5.23 -29.64 -15.10
N ASP A 353 -4.93 -30.89 -15.42
CA ASP A 353 -4.27 -31.77 -14.45
C ASP A 353 -2.77 -31.62 -14.34
N ASP A 354 -2.19 -30.79 -15.20
CA ASP A 354 -0.77 -30.57 -15.14
C ASP A 354 -0.46 -29.30 -14.34
N ILE A 355 -1.49 -28.65 -13.80
CA ILE A 355 -1.25 -27.42 -13.00
C ILE A 355 -1.71 -27.60 -11.57
N THR A 356 -1.06 -26.87 -10.67
CA THR A 356 -1.49 -26.66 -9.29
C THR A 356 -1.98 -25.23 -9.23
N LEU A 357 -3.18 -25.06 -8.69
CA LEU A 357 -3.79 -23.74 -8.49
C LEU A 357 -3.97 -23.44 -7.02
N VAL A 358 -3.51 -22.26 -6.59
CA VAL A 358 -3.98 -21.73 -5.32
C VAL A 358 -5.20 -20.90 -5.66
N PRO A 359 -6.37 -21.30 -5.17
CA PRO A 359 -7.62 -20.76 -5.65
C PRO A 359 -8.33 -19.73 -4.77
N GLY A 360 -9.47 -19.26 -5.24
CA GLY A 360 -10.37 -18.40 -4.44
C GLY A 360 -10.46 -17.00 -5.00
N THR A 361 -10.20 -16.00 -4.17
CA THR A 361 -10.39 -14.61 -4.61
C THR A 361 -9.15 -14.08 -5.29
N LEU A 362 -8.12 -14.93 -5.43
CA LEU A 362 -6.97 -14.64 -6.32
C LEU A 362 -6.55 -16.04 -6.80
N GLY A 363 -5.76 -16.10 -7.88
CA GLY A 363 -5.29 -17.40 -8.32
C GLY A 363 -3.81 -17.37 -8.48
N ARG A 364 -3.13 -18.43 -8.09
CA ARG A 364 -1.70 -18.53 -8.32
C ARG A 364 -1.45 -19.90 -8.96
N ILE A 365 -0.79 -19.91 -10.10
CA ILE A 365 -0.63 -21.18 -10.87
C ILE A 365 0.84 -21.56 -11.00
N ARG A 366 1.15 -22.85 -10.79
CA ARG A 366 2.46 -23.34 -11.09
C ARG A 366 2.31 -24.77 -11.63
N ALA A 367 3.43 -25.33 -12.12
CA ALA A 367 3.42 -26.72 -12.65
C ALA A 367 3.14 -27.68 -11.50
N LYS A 368 2.31 -28.68 -11.76
CA LYS A 368 2.05 -29.77 -10.79
C LYS A 368 3.32 -30.57 -10.52
N SER A 369 4.11 -30.79 -11.57
CA SER A 369 5.33 -31.58 -11.45
C SER A 369 6.52 -30.83 -12.09
N ILE A 370 7.59 -30.58 -11.32
CA ILE A 370 8.82 -29.94 -11.87
C ILE A 370 9.57 -30.87 -12.87
N ASN A 371 9.14 -32.14 -12.93
CA ASN A 371 9.65 -33.11 -13.92
C ASN A 371 8.97 -33.06 -15.30
N ASN A 372 7.88 -32.29 -15.40
CA ASN A 372 7.16 -32.11 -16.66
C ASN A 372 7.69 -30.89 -17.47
N SER A 373 8.52 -31.18 -18.47
CA SER A 373 9.12 -30.14 -19.33
C SER A 373 8.26 -29.80 -20.56
N LYS A 374 7.03 -30.31 -20.57
CA LYS A 374 6.05 -29.93 -21.58
C LYS A 374 5.04 -28.92 -20.98
N TYR A 375 5.21 -28.60 -19.70
CA TYR A 375 4.53 -27.47 -19.04
C TYR A 375 5.07 -26.15 -19.61
N ASP A 376 4.17 -25.23 -19.97
CA ASP A 376 4.61 -23.94 -20.54
C ASP A 376 3.67 -22.76 -20.16
N PRO A 377 4.21 -21.79 -19.40
CA PRO A 377 3.42 -20.64 -18.95
C PRO A 377 2.82 -19.82 -20.08
N LYS A 378 3.52 -19.72 -21.23
CA LYS A 378 2.99 -18.92 -22.31
C LYS A 378 1.70 -19.48 -22.83
N THR A 379 1.63 -20.80 -22.96
CA THR A 379 0.38 -21.39 -23.47
C THR A 379 -0.74 -21.32 -22.42
N ILE A 380 -0.40 -21.40 -21.14
CA ILE A 380 -1.42 -21.27 -20.08
C ILE A 380 -2.01 -19.84 -20.07
N ILE A 381 -1.14 -18.83 -20.11
CA ILE A 381 -1.62 -17.44 -20.13
C ILE A 381 -2.50 -17.20 -21.35
N ALA A 382 -2.04 -17.66 -22.53
CA ALA A 382 -2.82 -17.42 -23.75
C ALA A 382 -4.23 -18.09 -23.68
N ALA A 383 -4.28 -19.30 -23.12
CA ALA A 383 -5.56 -20.04 -23.00
C ALA A 383 -6.52 -19.39 -22.00
N LEU A 384 -5.97 -18.53 -21.15
CA LEU A 384 -6.76 -17.80 -20.15
C LEU A 384 -7.06 -16.35 -20.47
N THR A 385 -6.59 -15.84 -21.62
CA THR A 385 -6.74 -14.43 -21.96
C THR A 385 -7.92 -14.15 -22.86
N CYS A 386 -8.84 -13.34 -22.35
CA CYS A 386 -10.01 -12.82 -23.05
C CYS A 386 -10.75 -13.91 -23.85
N LYS A 387 -11.04 -15.03 -23.20
CA LYS A 387 -11.62 -16.20 -23.89
C LYS A 387 -13.13 -16.23 -23.86
N LYS A 388 -13.73 -15.52 -22.91
CA LYS A 388 -15.17 -15.52 -22.73
C LYS A 388 -15.54 -14.07 -22.51
N PRO A 389 -16.67 -13.62 -23.09
CA PRO A 389 -17.05 -12.21 -23.11
C PRO A 389 -17.19 -11.60 -21.73
N ASP A 390 -17.66 -12.37 -20.76
CA ASP A 390 -17.82 -11.76 -19.43
C ASP A 390 -16.77 -12.18 -18.42
N GLN A 391 -15.63 -12.68 -18.91
CA GLN A 391 -14.66 -13.39 -18.10
C GLN A 391 -14.41 -12.64 -16.76
N HIS A 392 -14.43 -13.34 -15.64
CA HIS A 392 -14.37 -12.64 -14.31
C HIS A 392 -13.04 -12.72 -13.61
N PHE A 393 -11.99 -12.97 -14.38
CA PHE A 393 -10.60 -12.94 -13.90
C PHE A 393 -9.73 -12.56 -15.08
N LYS A 394 -8.54 -12.05 -14.78
CA LYS A 394 -7.56 -11.72 -15.80
C LYS A 394 -6.22 -12.31 -15.45
N PRO A 395 -5.59 -13.04 -16.37
CA PRO A 395 -4.29 -13.58 -16.06
C PRO A 395 -3.14 -12.59 -16.32
N TYR A 396 -2.10 -12.71 -15.49
CA TYR A 396 -0.88 -11.92 -15.60
C TYR A 396 0.31 -12.78 -15.27
N MET A 397 1.43 -12.54 -15.96
CA MET A 397 2.70 -12.96 -15.42
C MET A 397 2.90 -11.96 -14.25
N LYS A 398 3.49 -12.42 -13.15
CA LYS A 398 3.54 -11.52 -11.95
C LYS A 398 4.23 -10.20 -12.19
N GLN A 399 5.23 -10.20 -13.06
CA GLN A 399 5.92 -8.92 -13.33
C GLN A 399 4.99 -7.92 -14.04
N HIS A 400 3.90 -8.39 -14.63
CA HIS A 400 2.98 -7.49 -15.34
C HIS A 400 1.83 -7.00 -14.48
N LEU A 401 1.72 -7.53 -13.25
CA LEU A 401 0.67 -6.99 -12.35
C LEU A 401 0.92 -5.46 -12.10
N PRO A 402 -0.16 -4.68 -11.88
CA PRO A 402 0.02 -3.23 -11.50
C PRO A 402 1.10 -3.10 -10.42
N LYS A 403 1.97 -2.15 -10.62
CA LYS A 403 3.07 -1.95 -9.70
C LYS A 403 2.65 -1.52 -8.30
N ARG A 404 1.50 -0.87 -8.21
CA ARG A 404 0.93 -0.52 -6.89
C ARG A 404 0.61 -1.68 -5.99
N LEU A 405 0.49 -2.92 -6.55
CA LEU A 405 0.26 -4.08 -5.70
C LEU A 405 1.52 -4.59 -5.03
N HIS A 406 2.68 -4.25 -5.58
CA HIS A 406 3.99 -4.64 -5.03
C HIS A 406 4.01 -6.14 -4.75
N TYR A 407 3.56 -6.93 -5.74
CA TYR A 407 3.31 -8.35 -5.51
C TYR A 407 4.04 -9.20 -6.56
N ALA A 408 5.36 -9.20 -6.49
CA ALA A 408 6.14 -10.04 -7.41
C ALA A 408 7.44 -10.53 -6.93
N ASN A 409 8.16 -9.74 -6.08
CA ASN A 409 9.55 -10.06 -5.74
C ASN A 409 9.65 -11.03 -4.56
N ASN A 410 9.16 -12.24 -4.77
CA ASN A 410 9.29 -13.29 -3.73
C ASN A 410 9.13 -14.63 -4.46
N ARG A 411 10.03 -15.58 -4.14
CA ARG A 411 9.99 -16.94 -4.78
C ARG A 411 8.74 -17.69 -4.39
N ARG A 412 8.05 -17.25 -3.33
CA ARG A 412 6.78 -17.89 -2.99
C ARG A 412 5.57 -17.40 -3.81
N ILE A 413 5.76 -16.37 -4.64
CA ILE A 413 4.69 -15.86 -5.49
C ILE A 413 4.87 -16.51 -6.88
N GLU A 414 3.88 -17.32 -7.25
CA GLU A 414 3.95 -18.08 -8.49
C GLU A 414 4.05 -17.10 -9.69
N ASP A 415 4.75 -17.54 -10.74
CA ASP A 415 4.89 -16.64 -11.91
C ASP A 415 3.57 -16.25 -12.52
N ILE A 416 2.60 -17.17 -12.57
CA ILE A 416 1.28 -16.91 -13.14
C ILE A 416 0.29 -16.50 -12.06
N HIS A 417 -0.33 -15.31 -12.23
CA HIS A 417 -1.28 -14.78 -11.27
C HIS A 417 -2.62 -14.46 -11.92
N LEU A 418 -3.72 -14.78 -11.23
CA LEU A 418 -5.01 -14.39 -11.72
C LEU A 418 -5.59 -13.33 -10.81
N LEU A 419 -5.87 -12.16 -11.38
CA LEU A 419 -6.61 -11.12 -10.67
CA LEU A 419 -6.58 -11.10 -10.68
C LEU A 419 -8.07 -11.37 -10.91
N VAL A 420 -8.77 -11.70 -9.82
CA VAL A 420 -10.18 -12.08 -9.83
C VAL A 420 -11.08 -10.91 -9.59
N ASP A 421 -12.12 -10.77 -10.41
CA ASP A 421 -13.08 -9.66 -10.21
C ASP A 421 -13.78 -9.75 -8.83
N ARG A 422 -14.04 -8.58 -8.21
CA ARG A 422 -14.76 -8.56 -6.95
C ARG A 422 -16.07 -9.37 -7.11
N ARG A 423 -16.43 -10.10 -6.06
CA ARG A 423 -17.67 -10.91 -6.04
CA ARG A 423 -17.66 -10.92 -6.01
C ARG A 423 -17.51 -12.31 -6.63
N TRP A 424 -16.33 -12.60 -7.17
CA TRP A 424 -16.08 -13.90 -7.84
C TRP A 424 -15.00 -14.73 -7.18
N HIS A 425 -15.01 -16.03 -7.51
CA HIS A 425 -13.90 -16.91 -7.24
C HIS A 425 -13.42 -17.56 -8.52
N VAL A 426 -12.21 -18.04 -8.43
CA VAL A 426 -11.65 -18.94 -9.44
C VAL A 426 -11.31 -20.27 -8.79
N ALA A 427 -11.56 -21.39 -9.49
CA ALA A 427 -11.26 -22.73 -8.95
C ALA A 427 -10.76 -23.57 -10.14
N ARG A 428 -10.13 -24.72 -9.88
CA ARG A 428 -9.52 -25.52 -10.95
C ARG A 428 -10.61 -26.28 -11.71
N LYS A 429 -11.49 -26.93 -10.96
CA LYS A 429 -12.59 -27.78 -11.49
CA LYS A 429 -12.61 -27.69 -11.54
C LYS A 429 -13.81 -27.70 -10.59
N PRO A 430 -15.04 -27.93 -11.14
CA PRO A 430 -16.27 -27.86 -10.33
C PRO A 430 -16.27 -28.74 -9.06
N LEU A 431 -15.61 -29.90 -9.11
CA LEU A 431 -15.64 -30.80 -7.97
C LEU A 431 -14.93 -30.20 -6.77
N ASP A 432 -13.96 -29.30 -7.00
CA ASP A 432 -13.30 -28.50 -5.92
C ASP A 432 -14.25 -27.63 -5.07
N VAL A 433 -15.37 -27.22 -5.64
CA VAL A 433 -16.29 -26.30 -5.02
C VAL A 433 -17.42 -27.02 -4.25
N TYR A 434 -17.81 -28.22 -4.66
CA TYR A 434 -18.85 -28.97 -3.88
C TYR A 434 -18.36 -30.20 -3.10
N LYS A 435 -17.19 -30.73 -3.49
CA LYS A 435 -16.41 -31.62 -2.63
C LYS A 435 -15.32 -30.75 -1.97
N LYS A 436 -15.77 -29.73 -1.22
CA LYS A 436 -14.91 -28.68 -0.65
C LYS A 436 -14.46 -29.01 0.78
N CYS A 441 -24.41 -24.35 -1.40
CA CYS A 441 -23.37 -23.36 -1.11
C CYS A 441 -23.32 -23.02 0.37
N PHE A 442 -22.13 -23.09 0.95
CA PHE A 442 -21.95 -22.68 2.35
C PHE A 442 -21.93 -21.14 2.47
N PHE A 443 -20.88 -20.55 1.92
CA PHE A 443 -20.40 -19.20 2.27
C PHE A 443 -21.10 -18.11 1.46
N GLN A 444 -21.13 -16.90 2.00
CA GLN A 444 -21.73 -15.78 1.31
C GLN A 444 -20.82 -14.55 1.30
N GLY A 445 -19.68 -14.66 2.01
CA GLY A 445 -18.69 -13.52 1.98
C GLY A 445 -17.29 -14.04 1.72
N ASP A 446 -16.44 -13.18 1.10
CA ASP A 446 -15.02 -13.53 1.07
C ASP A 446 -14.22 -12.22 0.78
N HIS A 447 -12.93 -12.34 0.86
CA HIS A 447 -12.01 -11.20 0.65
C HIS A 447 -10.72 -11.76 0.07
N GLY A 448 -9.85 -10.86 -0.39
CA GLY A 448 -8.61 -11.24 -1.01
C GLY A 448 -8.29 -10.45 -2.25
N PHE A 449 -9.32 -9.80 -2.79
CA PHE A 449 -9.28 -9.07 -4.05
C PHE A 449 -8.29 -7.87 -3.98
N ASP A 450 -8.01 -7.33 -5.15
CA ASP A 450 -7.27 -6.06 -5.37
C ASP A 450 -7.54 -5.08 -4.21
N ASN A 451 -6.44 -4.59 -3.63
CA ASN A 451 -6.62 -3.74 -2.43
C ASN A 451 -7.16 -2.35 -2.65
N LYS A 452 -7.45 -1.97 -3.90
CA LYS A 452 -8.18 -0.72 -4.15
CA LYS A 452 -8.18 -0.70 -4.06
C LYS A 452 -9.70 -0.88 -4.15
N VAL A 453 -10.19 -2.12 -4.16
CA VAL A 453 -11.63 -2.42 -4.18
C VAL A 453 -12.31 -1.89 -2.92
N ASN A 454 -13.40 -1.13 -3.06
CA ASN A 454 -14.07 -0.49 -1.89
C ASN A 454 -14.46 -1.48 -0.80
N SER A 455 -15.01 -2.63 -1.18
CA SER A 455 -15.36 -3.60 -0.15
C SER A 455 -14.20 -4.18 0.67
N MET A 456 -12.98 -4.06 0.15
CA MET A 456 -11.83 -4.60 0.87
C MET A 456 -11.28 -3.57 1.86
N GLN A 457 -11.76 -2.33 1.79
CA GLN A 457 -11.14 -1.31 2.70
C GLN A 457 -11.50 -1.62 4.15
N THR A 458 -10.63 -1.20 5.06
CA THR A 458 -10.89 -1.52 6.48
C THR A 458 -10.76 -0.22 7.30
N VAL A 459 -10.60 -0.41 8.60
CA VAL A 459 -10.76 0.70 9.55
CA VAL A 459 -10.77 0.64 9.61
C VAL A 459 -9.46 1.10 10.26
N PHE A 460 -9.41 2.39 10.63
CA PHE A 460 -8.37 2.89 11.55
C PHE A 460 -8.95 3.99 12.46
N VAL A 461 -8.81 3.77 13.78
CA VAL A 461 -9.07 4.83 14.77
C VAL A 461 -7.90 4.81 15.75
N GLY A 462 -7.41 5.99 16.10
CA GLY A 462 -6.41 6.09 17.21
C GLY A 462 -6.97 7.04 18.30
N TYR A 463 -6.86 6.60 19.54
CA TYR A 463 -7.46 7.37 20.63
C TYR A 463 -6.40 7.39 21.73
N GLY A 464 -6.12 8.56 22.28
CA GLY A 464 -5.24 8.62 23.42
C GLY A 464 -4.50 9.93 23.46
N PRO A 465 -3.60 10.08 24.43
CA PRO A 465 -2.89 11.36 24.57
C PRO A 465 -2.01 11.78 23.40
N THR A 466 -1.47 10.80 22.66
CA THR A 466 -0.55 11.10 21.59
C THR A 466 -1.27 11.32 20.25
N PHE A 467 -2.52 10.87 20.16
CA PHE A 467 -3.31 11.08 18.95
C PHE A 467 -4.03 12.44 19.06
N LYS A 468 -4.42 12.98 17.94
CA LYS A 468 -5.22 14.22 17.98
CA LYS A 468 -5.23 14.22 17.95
C LYS A 468 -6.66 14.00 18.48
N TYR A 469 -7.31 15.11 18.85
CA TYR A 469 -8.66 15.09 19.36
C TYR A 469 -9.67 15.43 18.27
N ARG A 470 -10.73 14.62 18.17
CA ARG A 470 -11.84 14.85 17.17
C ARG A 470 -11.36 15.21 15.80
N THR A 471 -10.45 14.40 15.25
CA THR A 471 -9.75 14.77 14.01
C THR A 471 -9.98 13.68 12.97
N LYS A 472 -10.32 14.08 11.75
CA LYS A 472 -10.46 13.12 10.65
C LYS A 472 -9.27 13.31 9.78
N VAL A 473 -8.67 12.20 9.38
CA VAL A 473 -7.50 12.27 8.49
C VAL A 473 -7.88 11.56 7.20
N PRO A 474 -7.22 11.90 6.08
CA PRO A 474 -7.49 11.19 4.83
C PRO A 474 -7.14 9.70 4.89
N PRO A 475 -7.76 8.87 4.02
CA PRO A 475 -7.38 7.47 3.94
C PRO A 475 -5.88 7.27 3.70
N PHE A 476 -5.34 6.21 4.26
CA PHE A 476 -3.92 5.95 4.10
C PHE A 476 -3.73 4.45 4.07
N GLU A 477 -2.51 4.01 3.77
CA GLU A 477 -2.23 2.54 3.67
C GLU A 477 -1.70 1.95 4.96
N ASN A 478 -2.04 0.68 5.21
CA ASN A 478 -1.63 0.09 6.42
C ASN A 478 -0.12 -0.09 6.60
N ILE A 479 0.66 -0.08 5.50
CA ILE A 479 2.12 -0.18 5.60
C ILE A 479 2.71 1.03 6.36
N GLU A 480 1.90 2.10 6.51
CA GLU A 480 2.45 3.29 7.21
C GLU A 480 2.38 3.21 8.75
N LEU A 481 1.58 2.28 9.28
CA LEU A 481 1.31 2.28 10.70
C LEU A 481 2.45 1.80 11.58
N TYR A 482 3.28 0.89 11.09
CA TYR A 482 4.42 0.44 11.93
C TYR A 482 5.27 1.63 12.39
N ASN A 483 5.58 2.56 11.46
CA ASN A 483 6.40 3.73 11.86
C ASN A 483 5.69 4.53 12.93
N VAL A 484 4.38 4.72 12.79
CA VAL A 484 3.62 5.52 13.81
C VAL A 484 3.62 4.78 15.15
N MET A 485 3.44 3.44 15.13
CA MET A 485 3.49 2.70 16.37
C MET A 485 4.88 2.83 17.00
N CYS A 486 5.95 2.79 16.18
CA CYS A 486 7.30 3.06 16.69
C CYS A 486 7.39 4.46 17.32
N ASP A 487 6.81 5.47 16.67
CA ASP A 487 6.78 6.87 17.22
C ASP A 487 6.05 6.93 18.55
N LEU A 488 4.91 6.22 18.63
CA LEU A 488 4.13 6.14 19.88
C LEU A 488 4.89 5.56 21.03
N LEU A 489 5.87 4.71 20.74
CA LEU A 489 6.65 3.94 21.75
C LEU A 489 8.07 4.47 21.95
N GLY A 490 8.40 5.56 21.27
CA GLY A 490 9.79 6.07 21.22
C GLY A 490 10.82 5.11 20.64
N LEU A 491 10.43 4.28 19.65
CA LEU A 491 11.35 3.32 19.04
C LEU A 491 11.85 3.77 17.67
N LYS A 492 13.04 3.30 17.28
CA LYS A 492 13.55 3.55 15.95
C LYS A 492 13.01 2.40 15.09
N PRO A 493 12.22 2.75 14.06
CA PRO A 493 11.74 1.62 13.25
C PRO A 493 12.81 0.89 12.46
N ALA A 494 12.65 -0.42 12.32
CA ALA A 494 13.46 -1.17 11.34
C ALA A 494 13.12 -0.69 9.91
N PRO A 495 14.04 -0.89 8.93
CA PRO A 495 13.80 -0.44 7.56
C PRO A 495 12.48 -1.01 7.04
N ASN A 496 11.59 -0.16 6.55
CA ASN A 496 10.27 -0.69 6.12
C ASN A 496 9.74 0.09 4.96
N ASN A 497 8.50 -0.22 4.53
CA ASN A 497 7.97 0.38 3.31
C ASN A 497 7.09 1.60 3.55
N GLY A 498 6.86 1.90 4.80
CA GLY A 498 6.18 3.16 5.09
C GLY A 498 7.09 4.32 4.69
N THR A 499 6.54 5.51 4.80
CA THR A 499 7.28 6.75 4.42
C THR A 499 7.15 7.57 5.71
N HIS A 500 8.21 7.55 6.48
CA HIS A 500 8.14 8.00 7.87
C HIS A 500 8.00 9.52 7.89
N GLY A 501 6.93 9.97 8.53
CA GLY A 501 6.50 11.39 8.49
C GLY A 501 5.20 11.62 7.72
N SER A 502 4.87 10.71 6.82
CA SER A 502 3.65 10.87 6.06
C SER A 502 2.36 10.79 6.91
N LEU A 503 2.45 10.21 8.13
CA LEU A 503 1.29 10.19 9.03
C LEU A 503 1.49 11.09 10.26
N ASN A 504 2.36 12.09 10.12
CA ASN A 504 2.56 12.99 11.26
C ASN A 504 1.29 13.72 11.66
N HIS A 505 0.41 13.96 10.68
CA HIS A 505 -0.82 14.72 10.90
C HIS A 505 -1.84 13.95 11.76
N LEU A 506 -1.53 12.68 12.09
CA LEU A 506 -2.37 11.90 13.02
C LEU A 506 -2.06 12.23 14.50
N LEU A 507 -0.91 12.84 14.76
CA LEU A 507 -0.34 12.83 16.10
C LEU A 507 -0.33 14.23 16.69
N ARG A 508 -0.59 14.30 17.99
CA ARG A 508 -0.46 15.55 18.74
C ARG A 508 0.99 15.90 19.01
N THR A 509 1.78 14.86 19.32
N THR A 509 1.87 14.94 19.28
CA THR A 509 3.16 14.90 19.84
CA THR A 509 3.30 15.28 19.33
C THR A 509 3.88 13.70 19.26
C THR A 509 4.04 14.24 18.53
N ASN A 510 5.20 13.64 19.42
N ASN A 510 4.82 14.70 17.56
CA ASN A 510 5.98 12.47 18.99
CA ASN A 510 5.69 13.80 16.83
C ASN A 510 6.13 12.39 17.47
C ASN A 510 7.17 13.93 17.22
N THR A 511 6.01 13.54 16.80
N THR A 511 7.80 12.78 17.46
CA THR A 511 6.11 13.49 15.33
CA THR A 511 9.20 12.74 17.81
C THR A 511 7.52 13.23 14.91
C THR A 511 10.01 12.54 16.55
N PHE A 512 7.65 12.74 13.69
N PHE A 512 9.32 12.26 15.44
CA PHE A 512 8.97 12.43 13.16
CA PHE A 512 10.04 12.11 14.17
C PHE A 512 9.26 13.46 12.13
C PHE A 512 9.86 13.27 13.21
N ARG A 513 10.22 14.33 12.43
N ARG A 513 10.96 13.85 12.74
CA ARG A 513 10.54 15.41 11.52
CA ARG A 513 10.92 15.00 11.83
C ARG A 513 11.65 15.02 10.59
C ARG A 513 11.83 14.75 10.65
N PRO A 514 11.27 14.37 9.49
CA PRO A 514 12.21 13.93 8.49
C PRO A 514 12.87 15.12 7.76
N THR A 515 14.06 14.86 7.21
CA THR A 515 14.76 15.82 6.37
C THR A 515 14.76 15.23 4.95
N MET A 516 14.78 16.11 3.96
CA MET A 516 14.77 15.66 2.55
C MET A 516 16.09 14.94 2.28
N PRO A 517 16.04 13.88 1.44
CA PRO A 517 17.31 13.23 1.13
C PRO A 517 18.26 14.12 0.33
N ASP A 518 19.57 13.95 0.54
CA ASP A 518 20.53 14.78 -0.22
C ASP A 518 20.60 14.33 -1.67
N GLU A 519 20.70 15.31 -2.56
CA GLU A 519 20.90 15.04 -3.99
C GLU A 519 22.27 14.40 -4.11
N VAL A 520 22.37 13.34 -4.90
CA VAL A 520 23.66 12.68 -5.08
C VAL A 520 24.39 13.15 -6.34
N SER A 521 23.68 13.33 -7.44
CA SER A 521 24.36 13.74 -8.69
C SER A 521 23.90 15.10 -9.05
N ARG A 522 24.83 15.99 -9.33
CA ARG A 522 24.43 17.30 -9.80
C ARG A 522 24.41 17.29 -11.33
N PRO A 523 23.46 18.02 -11.93
CA PRO A 523 23.34 18.04 -13.35
C PRO A 523 24.42 18.89 -14.02
N ASN A 524 24.69 18.57 -15.27
CA ASN A 524 25.39 19.50 -16.19
C ASN A 524 24.36 20.34 -16.88
N TYR A 525 24.73 21.55 -17.27
CA TYR A 525 23.87 22.45 -18.00
C TYR A 525 24.56 22.78 -19.35
N PRO A 526 24.48 21.87 -20.32
CA PRO A 526 25.20 22.08 -21.61
C PRO A 526 24.65 23.24 -22.43
N GLY A 527 25.57 23.97 -23.08
CA GLY A 527 25.16 24.91 -24.10
C GLY A 527 25.34 24.26 -25.46
N ILE A 528 25.28 25.09 -26.50
CA ILE A 528 25.45 24.57 -27.86
C ILE A 528 26.89 24.23 -28.12
N MET A 529 27.17 22.95 -28.35
CA MET A 529 28.55 22.48 -28.39
CA MET A 529 28.54 22.46 -28.37
C MET A 529 28.88 21.65 -29.60
N TYR A 530 27.88 21.35 -30.44
CA TYR A 530 28.06 20.49 -31.64
C TYR A 530 27.45 21.07 -32.85
N LEU A 531 28.10 20.91 -34.02
CA LEU A 531 27.44 21.25 -35.25
C LEU A 531 26.64 20.09 -35.79
N GLN A 532 25.66 20.43 -36.60
CA GLN A 532 24.71 19.47 -37.18
C GLN A 532 25.43 18.36 -37.93
N SER A 533 26.45 18.72 -38.70
CA SER A 533 27.14 17.68 -39.47
C SER A 533 27.96 16.69 -38.65
N GLU A 534 28.14 16.93 -37.34
CA GLU A 534 28.86 15.95 -36.50
C GLU A 534 27.96 14.74 -36.22
N PHE A 535 26.67 14.87 -36.50
CA PHE A 535 25.75 13.76 -36.19
C PHE A 535 25.56 12.88 -37.41
N ASP A 536 25.52 11.60 -37.16
CA ASP A 536 25.26 10.64 -38.22
C ASP A 536 24.27 9.64 -37.62
N LEU A 537 23.07 10.12 -37.30
CA LEU A 537 22.10 9.28 -36.56
C LEU A 537 21.11 8.64 -37.50
N GLY A 538 21.16 9.00 -38.77
CA GLY A 538 20.23 8.44 -39.73
C GLY A 538 18.83 9.04 -39.59
N CYS A 539 18.75 10.22 -38.98
CA CYS A 539 17.46 10.88 -38.78
C CYS A 539 17.31 11.95 -39.82
N THR A 540 16.07 12.32 -40.14
CA THR A 540 15.86 13.43 -41.07
C THR A 540 14.75 14.29 -40.48
N CYS A 541 14.77 15.57 -40.78
CA CYS A 541 13.67 16.43 -40.46
C CYS A 541 13.56 17.56 -41.51
N ASP A 542 12.35 17.78 -42.00
CA ASP A 542 12.06 18.96 -42.84
C ASP A 542 12.02 20.27 -42.00
N ASP A 543 13.17 20.67 -41.46
CA ASP A 543 13.19 21.88 -40.62
C ASP A 543 14.08 23.00 -41.17
N LYS A 544 14.61 22.79 -42.38
CA LYS A 544 15.50 23.77 -43.01
C LYS A 544 14.67 24.90 -43.68
N VAL A 545 13.75 25.50 -42.92
CA VAL A 545 13.03 26.71 -43.38
C VAL A 545 13.20 27.80 -42.32
N GLU A 546 13.91 28.88 -42.70
CA GLU A 546 14.52 29.86 -41.77
C GLU A 546 13.76 30.12 -40.47
N ASN A 549 15.94 36.78 -37.53
CA ASN A 549 15.05 37.75 -36.90
C ASN A 549 15.51 38.06 -35.45
N LYS A 550 16.18 39.20 -35.26
CA LYS A 550 16.80 39.61 -33.96
C LYS A 550 15.86 39.69 -32.74
N LEU A 551 14.60 40.11 -32.96
CA LEU A 551 13.56 40.12 -31.91
C LEU A 551 13.43 38.70 -31.32
N GLU A 552 13.21 37.74 -32.21
CA GLU A 552 12.80 36.40 -31.85
C GLU A 552 13.95 35.35 -31.84
N GLU A 553 15.17 35.80 -32.15
CA GLU A 553 16.35 34.98 -31.92
C GLU A 553 16.80 35.10 -30.48
N LEU A 554 16.86 36.32 -29.92
CA LEU A 554 17.28 36.45 -28.51
C LEU A 554 16.27 35.70 -27.65
N ASN A 555 15.01 35.78 -28.05
CA ASN A 555 13.91 35.14 -27.35
C ASN A 555 14.08 33.61 -27.23
N LYS A 556 14.33 32.97 -28.39
CA LYS A 556 14.58 31.52 -28.45
C LYS A 556 15.83 31.13 -27.64
N ARG A 557 16.88 31.97 -27.66
CA ARG A 557 18.05 31.80 -26.79
C ARG A 557 17.70 31.86 -25.29
N LEU A 558 16.82 32.79 -24.88
CA LEU A 558 16.38 32.87 -23.47
C LEU A 558 15.70 31.55 -23.09
N HIS A 559 14.82 31.04 -23.97
CA HIS A 559 14.10 29.75 -23.70
C HIS A 559 15.07 28.60 -23.45
N THR A 560 16.16 28.57 -24.23
CA THR A 560 17.16 27.49 -24.08
C THR A 560 18.00 27.67 -22.84
N LYS A 561 18.03 28.89 -22.28
CA LYS A 561 18.73 29.13 -21.02
C LYS A 561 17.85 28.99 -19.76
N GLY A 562 16.56 28.73 -19.94
CA GLY A 562 15.71 28.49 -18.78
C GLY A 562 14.71 29.58 -18.46
N SER A 563 14.51 30.53 -19.38
CA SER A 563 13.55 31.62 -19.11
C SER A 563 12.09 31.21 -18.85
N THR A 564 11.63 30.10 -19.42
CA THR A 564 10.27 29.64 -19.10
C THR A 564 10.27 28.59 -17.99
N LYS A 565 11.43 28.34 -17.36
CA LYS A 565 11.52 27.13 -16.49
C LYS A 565 10.56 27.22 -15.30
N GLU A 566 10.30 28.44 -14.78
CA GLU A 566 9.41 28.54 -13.61
C GLU A 566 7.95 28.16 -13.96
N ARG A 567 7.60 28.23 -15.24
CA ARG A 567 6.29 27.82 -15.73
C ARG A 567 6.19 26.30 -15.75
N HIS A 568 7.24 25.64 -16.22
CA HIS A 568 7.15 24.17 -16.51
C HIS A 568 7.72 23.29 -15.42
N LEU A 569 8.58 23.85 -14.58
CA LEU A 569 9.12 23.12 -13.44
C LEU A 569 8.60 23.80 -12.17
N LEU A 570 7.43 23.37 -11.71
CA LEU A 570 6.68 24.12 -10.69
C LEU A 570 7.12 23.84 -9.26
N TYR A 571 7.77 22.70 -9.02
CA TYR A 571 8.07 22.24 -7.68
C TYR A 571 9.57 21.94 -7.52
N GLY A 572 10.41 22.62 -8.34
CA GLY A 572 11.84 22.40 -8.31
C GLY A 572 12.21 21.24 -9.23
N ARG A 573 13.48 21.15 -9.60
CA ARG A 573 13.86 19.95 -10.30
C ARG A 573 13.91 18.75 -9.36
N PRO A 574 13.57 17.56 -9.88
CA PRO A 574 13.68 16.32 -9.10
C PRO A 574 15.12 16.12 -8.71
N ALA A 575 15.36 15.58 -7.54
CA ALA A 575 16.78 15.29 -7.16
C ALA A 575 17.11 13.86 -7.57
N VAL A 576 18.34 13.67 -8.08
CA VAL A 576 18.79 12.33 -8.50
C VAL A 576 19.54 11.74 -7.32
N LEU A 577 19.03 10.65 -6.73
CA LEU A 577 19.58 10.13 -5.49
C LEU A 577 20.52 8.96 -5.75
N TYR A 578 21.16 8.91 -6.91
CA TYR A 578 22.21 7.91 -7.09
C TYR A 578 23.25 8.54 -7.99
N ARG A 579 24.39 7.88 -8.15
CA ARG A 579 25.49 8.41 -8.98
C ARG A 579 25.27 8.17 -10.47
N THR A 580 25.24 9.24 -11.25
CA THR A 580 24.99 9.14 -12.69
C THR A 580 25.40 10.42 -13.38
N SER A 581 25.40 10.40 -14.73
CA SER A 581 25.78 11.56 -15.51
CA SER A 581 25.77 11.59 -15.48
C SER A 581 24.55 12.05 -16.27
N TYR A 582 24.10 13.26 -15.98
CA TYR A 582 22.92 13.75 -16.70
C TYR A 582 22.94 15.24 -16.91
N ASP A 583 22.16 15.69 -17.89
CA ASP A 583 22.15 17.09 -18.32
C ASP A 583 20.75 17.68 -18.14
N ILE A 584 20.64 18.89 -17.63
CA ILE A 584 19.35 19.61 -17.72
C ILE A 584 19.23 20.32 -19.06
N LEU A 585 18.09 20.11 -19.73
CA LEU A 585 17.80 20.67 -21.07
C LEU A 585 16.57 21.54 -20.96
N TYR A 586 16.74 22.82 -21.30
CA TYR A 586 15.58 23.71 -21.23
C TYR A 586 14.96 23.94 -22.59
N HIS A 587 13.66 24.14 -22.64
CA HIS A 587 12.95 24.46 -23.88
C HIS A 587 11.77 25.38 -23.59
N THR A 588 11.20 25.95 -24.63
CA THR A 588 10.05 26.83 -24.44
C THR A 588 8.92 26.19 -23.65
N ASP A 589 8.63 24.93 -24.01
CA ASP A 589 7.43 24.24 -23.50
C ASP A 589 7.71 23.16 -22.45
N PHE A 590 8.96 22.83 -22.22
CA PHE A 590 9.23 21.72 -21.29
C PHE A 590 10.69 21.73 -20.87
N GLU A 591 10.98 21.09 -19.74
CA GLU A 591 12.35 20.98 -19.20
CA GLU A 591 12.37 20.96 -19.31
C GLU A 591 12.61 19.49 -18.99
N SER A 592 13.84 19.04 -19.20
CA SER A 592 14.11 17.64 -18.92
C SER A 592 15.45 17.39 -18.26
N GLY A 593 15.58 16.22 -17.60
CA GLY A 593 16.85 15.74 -17.04
C GLY A 593 17.24 14.58 -17.89
N TYR A 594 18.23 14.81 -18.77
CA TYR A 594 18.59 13.84 -19.83
C TYR A 594 19.79 12.98 -19.40
N SER A 595 19.60 11.65 -19.40
CA SER A 595 20.64 10.74 -18.90
C SER A 595 21.61 10.38 -20.01
N GLU A 596 22.90 10.68 -19.80
CA GLU A 596 23.93 10.30 -20.81
C GLU A 596 24.16 8.78 -20.80
N ILE A 597 23.73 8.10 -19.74
CA ILE A 597 23.96 6.66 -19.55
C ILE A 597 22.82 5.87 -20.21
N PHE A 598 21.57 6.26 -19.96
CA PHE A 598 20.42 5.60 -20.55
C PHE A 598 19.96 6.17 -21.89
N LEU A 599 20.64 7.24 -22.35
CA LEU A 599 20.37 7.91 -23.64
C LEU A 599 18.94 8.47 -23.82
N MET A 600 18.32 8.88 -22.72
CA MET A 600 16.99 9.40 -22.77
C MET A 600 16.70 10.16 -21.47
N PRO A 601 15.64 10.96 -21.42
CA PRO A 601 15.37 11.62 -20.14
C PRO A 601 14.98 10.67 -18.99
N LEU A 602 15.43 11.05 -17.80
CA LEU A 602 14.95 10.40 -16.58
C LEU A 602 13.58 10.97 -16.21
N TRP A 603 13.37 12.23 -16.60
CA TRP A 603 12.13 12.95 -16.31
C TRP A 603 12.03 14.07 -17.34
N THR A 604 10.80 14.41 -17.64
CA THR A 604 10.45 15.54 -18.52
C THR A 604 9.29 16.26 -17.88
N SER A 605 9.43 17.58 -17.66
CA SER A 605 8.40 18.32 -16.89
C SER A 605 7.77 19.43 -17.76
N TYR A 606 6.43 19.56 -17.75
CA TYR A 606 5.81 20.60 -18.54
C TYR A 606 4.46 20.94 -17.91
N THR A 607 4.03 22.19 -18.08
CA THR A 607 2.76 22.63 -17.57
C THR A 607 1.83 22.92 -18.73
N ILE A 608 0.58 22.50 -18.59
CA ILE A 608 -0.49 22.71 -19.56
C ILE A 608 -1.64 23.46 -18.88
N SER A 609 -1.86 24.69 -19.30
CA SER A 609 -2.89 25.48 -18.63
C SER A 609 -4.28 25.05 -19.16
N LYS A 610 -5.32 25.45 -18.42
CA LYS A 610 -6.71 25.20 -18.81
C LYS A 610 -7.01 25.69 -20.24
N GLN A 611 -6.33 26.77 -20.65
CA GLN A 611 -6.53 27.42 -21.94
C GLN A 611 -5.68 26.83 -23.07
N ALA A 612 -4.86 25.81 -22.79
CA ALA A 612 -3.97 25.28 -23.83
C ALA A 612 -4.76 24.70 -24.98
N GLU A 613 -4.22 24.80 -26.18
CA GLU A 613 -4.85 24.23 -27.36
C GLU A 613 -4.01 23.01 -27.79
N VAL A 614 -4.70 21.98 -28.26
CA VAL A 614 -4.11 20.79 -28.87
C VAL A 614 -3.99 21.01 -30.38
N SER A 615 -2.86 20.60 -30.94
CA SER A 615 -2.69 20.67 -32.40
C SER A 615 -2.21 19.33 -32.92
N SER A 616 -2.07 19.22 -34.24
CA SER A 616 -1.67 17.99 -34.88
C SER A 616 -0.13 17.98 -35.03
N ILE A 617 0.45 16.83 -35.36
CA ILE A 617 1.78 16.82 -35.91
C ILE A 617 1.63 17.17 -37.41
N PRO A 618 2.19 18.30 -37.85
CA PRO A 618 2.11 18.68 -39.27
C PRO A 618 2.62 17.57 -40.20
N GLU A 619 2.04 17.48 -41.40
CA GLU A 619 2.44 16.45 -42.38
C GLU A 619 3.92 16.35 -42.64
N HIS A 620 4.57 17.49 -42.84
CA HIS A 620 5.96 17.48 -43.21
C HIS A 620 6.84 17.07 -42.01
N LEU A 621 6.26 17.01 -40.80
CA LEU A 621 7.04 16.64 -39.57
C LEU A 621 6.76 15.23 -39.03
N THR A 622 6.03 14.41 -39.79
CA THR A 622 5.58 13.11 -39.27
C THR A 622 6.73 12.21 -38.81
N ASN A 623 7.79 12.16 -39.60
CA ASN A 623 8.95 11.32 -39.24
C ASN A 623 10.15 12.16 -38.81
N CYS A 624 9.91 13.41 -38.41
CA CYS A 624 11.00 14.31 -38.03
C CYS A 624 11.66 13.90 -36.71
N VAL A 625 12.96 13.67 -36.74
CA VAL A 625 13.80 13.63 -35.50
C VAL A 625 15.03 14.50 -35.72
N ARG A 626 15.36 15.33 -34.73
CA ARG A 626 16.36 16.38 -34.89
C ARG A 626 17.49 16.17 -33.89
N PRO A 627 18.76 16.17 -34.35
CA PRO A 627 19.89 16.17 -33.42
C PRO A 627 19.80 17.38 -32.44
N ASP A 628 20.21 17.11 -31.22
CA ASP A 628 20.26 18.15 -30.21
C ASP A 628 21.69 18.63 -30.07
N VAL A 629 21.92 19.87 -30.47
CA VAL A 629 23.33 20.38 -30.58
C VAL A 629 23.95 20.64 -29.21
N ARG A 630 23.18 20.42 -28.10
CA ARG A 630 23.76 20.49 -26.76
C ARG A 630 24.32 19.16 -26.28
N VAL A 631 24.03 18.08 -27.02
CA VAL A 631 24.33 16.72 -26.52
C VAL A 631 25.11 15.95 -27.56
N SER A 632 26.19 15.28 -27.15
CA SER A 632 27.11 14.71 -28.13
CA SER A 632 27.11 14.70 -28.10
C SER A 632 26.45 13.60 -28.96
N PRO A 633 26.91 13.40 -30.22
CA PRO A 633 26.36 12.28 -30.97
C PRO A 633 26.55 10.97 -30.19
N GLY A 634 27.65 10.82 -29.46
CA GLY A 634 27.99 9.58 -28.68
C GLY A 634 27.01 9.33 -27.54
N PHE A 635 26.30 10.38 -27.13
CA PHE A 635 25.35 10.26 -26.01
C PHE A 635 23.91 10.46 -26.48
N SER A 636 23.66 10.24 -27.78
CA SER A 636 22.32 10.40 -28.39
C SER A 636 21.81 9.06 -28.87
N GLN A 637 20.50 8.91 -28.96
CA GLN A 637 19.91 7.80 -29.72
C GLN A 637 20.10 8.00 -31.23
N ASN A 638 19.72 7.01 -32.03
CA ASN A 638 19.86 7.20 -33.49
C ASN A 638 18.64 6.58 -34.13
N CYS A 639 18.23 7.11 -35.27
CA CYS A 639 17.02 6.65 -35.95
C CYS A 639 17.24 5.32 -36.65
N LEU A 640 18.48 5.01 -36.99
CA LEU A 640 18.73 3.82 -37.76
C LEU A 640 18.38 2.58 -36.93
N ALA A 641 18.65 2.64 -35.63
CA ALA A 641 18.32 1.53 -34.70
C ALA A 641 16.81 1.23 -34.76
N TYR A 642 15.95 2.26 -34.79
CA TYR A 642 14.53 2.05 -34.85
C TYR A 642 14.14 1.51 -36.22
N LYS A 643 14.79 2.00 -37.27
CA LYS A 643 14.45 1.52 -38.61
C LYS A 643 14.70 0.02 -38.65
N ASN A 644 15.85 -0.41 -38.13
CA ASN A 644 16.25 -1.83 -38.12
C ASN A 644 15.51 -2.76 -37.17
N ASP A 645 15.00 -2.23 -36.04
CA ASP A 645 14.32 -3.08 -35.02
C ASP A 645 12.90 -3.13 -35.48
N LYS A 646 12.49 -4.26 -36.06
CA LYS A 646 11.17 -4.34 -36.64
C LYS A 646 10.05 -4.39 -35.61
N GLN A 647 10.40 -4.68 -34.37
CA GLN A 647 9.46 -4.73 -33.25
C GLN A 647 9.24 -3.39 -32.55
N MET A 648 10.20 -2.49 -32.70
CA MET A 648 10.24 -1.31 -31.82
C MET A 648 10.08 -0.02 -32.58
N SER A 649 9.23 0.87 -32.08
CA SER A 649 9.09 2.20 -32.66
C SER A 649 9.51 3.22 -31.58
N TYR A 650 9.11 4.47 -31.70
CA TYR A 650 9.47 5.49 -30.69
C TYR A 650 8.33 6.46 -30.47
N GLY A 651 8.37 7.12 -29.31
CA GLY A 651 7.42 8.17 -28.98
C GLY A 651 8.23 9.31 -28.36
N PHE A 652 7.52 10.32 -27.87
CA PHE A 652 8.19 11.48 -27.29
C PHE A 652 7.64 11.69 -25.89
N LEU A 653 8.50 12.18 -24.99
CA LEU A 653 8.02 12.44 -23.63
C LEU A 653 7.19 13.71 -23.51
N PHE A 654 7.71 14.83 -24.01
CA PHE A 654 6.86 16.02 -24.14
C PHE A 654 6.11 15.87 -25.44
N PRO A 655 4.79 15.94 -25.39
CA PRO A 655 4.02 15.62 -26.59
C PRO A 655 4.00 16.77 -27.66
N PRO A 656 4.32 16.45 -28.91
CA PRO A 656 4.24 17.51 -29.93
C PRO A 656 2.84 18.14 -30.04
N TYR A 657 1.80 17.38 -29.68
CA TYR A 657 0.41 17.90 -29.75
C TYR A 657 0.14 19.09 -28.89
N LEU A 658 0.96 19.29 -27.86
CA LEU A 658 0.69 20.36 -26.90
C LEU A 658 1.69 21.52 -27.01
N SER A 659 2.38 21.59 -28.15
CA SER A 659 3.33 22.69 -28.39
C SER A 659 2.63 24.05 -28.28
N SER A 660 3.36 25.06 -27.78
CA SER A 660 2.76 26.38 -27.62
C SER A 660 2.65 27.18 -28.95
N SER A 661 3.39 26.80 -29.97
CA SER A 661 3.42 27.53 -31.25
C SER A 661 4.07 26.62 -32.26
N PRO A 662 3.82 26.87 -33.54
CA PRO A 662 4.36 26.04 -34.56
C PRO A 662 5.88 26.02 -34.51
N GLU A 663 6.49 27.14 -34.12
CA GLU A 663 7.92 27.17 -33.99
C GLU A 663 8.44 26.37 -32.75
N ALA A 664 7.73 26.43 -31.62
CA ALA A 664 8.19 25.68 -30.46
C ALA A 664 8.04 24.17 -30.72
N LYS A 665 7.09 23.80 -31.60
CA LYS A 665 6.87 22.40 -31.87
C LYS A 665 8.13 21.68 -32.31
N TYR A 666 9.06 22.36 -33.01
CA TYR A 666 10.32 21.73 -33.40
C TYR A 666 11.11 21.13 -32.27
N ASP A 667 11.06 21.74 -31.08
CA ASP A 667 11.79 21.23 -29.92
C ASP A 667 11.29 19.84 -29.52
N ALA A 668 9.98 19.63 -29.69
CA ALA A 668 9.39 18.30 -29.36
C ALA A 668 9.99 17.13 -30.17
N PHE A 669 10.56 17.41 -31.35
CA PHE A 669 11.15 16.34 -32.19
C PHE A 669 12.66 16.17 -32.00
N LEU A 670 13.21 16.81 -30.97
CA LEU A 670 14.60 16.60 -30.63
C LEU A 670 14.85 15.16 -30.26
N VAL A 671 15.96 14.64 -30.70
CA VAL A 671 16.38 13.26 -30.38
C VAL A 671 16.47 13.01 -28.86
N THR A 672 16.64 14.08 -28.11
CA THR A 672 16.76 14.04 -26.64
C THR A 672 15.38 13.95 -25.97
N ASN A 673 14.30 14.04 -26.75
CA ASN A 673 12.91 13.91 -26.20
C ASN A 673 12.29 12.55 -26.63
N MET A 674 13.04 11.75 -27.39
CA MET A 674 12.56 10.47 -27.95
CA MET A 674 12.48 10.47 -27.90
C MET A 674 12.80 9.28 -26.98
N VAL A 675 11.86 8.30 -26.97
CA VAL A 675 12.00 7.15 -26.11
C VAL A 675 11.45 5.95 -26.87
N PRO A 676 12.00 4.77 -26.60
CA PRO A 676 11.56 3.62 -27.39
C PRO A 676 10.16 3.18 -26.95
N MET A 677 9.32 2.89 -27.93
CA MET A 677 7.94 2.45 -27.66
C MET A 677 7.48 1.41 -28.66
N TYR A 678 7.04 0.28 -28.16
CA TYR A 678 6.30 -0.68 -29.00
C TYR A 678 5.13 -0.02 -29.67
N PRO A 679 4.84 -0.38 -30.95
CA PRO A 679 3.66 0.20 -31.57
C PRO A 679 2.37 0.00 -30.76
N ALA A 680 2.20 -1.14 -30.07
CA ALA A 680 0.95 -1.36 -29.36
C ALA A 680 0.86 -0.37 -28.21
N PHE A 681 2.02 -0.13 -27.59
CA PHE A 681 2.07 0.86 -26.48
C PHE A 681 1.86 2.27 -27.00
N LYS A 682 2.38 2.57 -28.19
CA LYS A 682 2.13 3.91 -28.75
C LYS A 682 0.67 4.28 -28.91
N ARG A 683 -0.21 3.31 -29.14
CA ARG A 683 -1.66 3.57 -29.13
C ARG A 683 -2.12 4.17 -27.80
N VAL A 684 -1.62 3.60 -26.70
CA VAL A 684 -1.94 4.07 -25.35
C VAL A 684 -1.37 5.49 -25.11
N TRP A 685 -0.07 5.62 -25.38
CA TRP A 685 0.67 6.83 -25.07
C TRP A 685 0.10 8.02 -25.88
N ALA A 686 -0.11 7.80 -27.18
CA ALA A 686 -0.61 8.85 -28.06
C ALA A 686 -1.99 9.32 -27.57
N TYR A 687 -2.84 8.39 -27.10
CA TYR A 687 -4.16 8.84 -26.64
C TYR A 687 -4.03 9.62 -25.35
N PHE A 688 -3.18 9.16 -24.43
CA PHE A 688 -2.88 9.92 -23.21
C PHE A 688 -2.42 11.34 -23.54
N GLN A 689 -1.47 11.45 -24.47
CA GLN A 689 -0.84 12.77 -24.76
C GLN A 689 -1.79 13.72 -25.58
N ARG A 690 -2.53 13.15 -26.51
CA ARG A 690 -3.34 13.93 -27.46
C ARG A 690 -4.66 14.29 -26.84
N VAL A 691 -5.24 13.36 -26.05
CA VAL A 691 -6.61 13.55 -25.51
C VAL A 691 -6.68 13.77 -24.01
N LEU A 692 -6.02 12.90 -23.24
CA LEU A 692 -6.22 12.93 -21.82
C LEU A 692 -5.53 14.08 -21.05
N VAL A 693 -4.30 14.45 -21.43
CA VAL A 693 -3.62 15.59 -20.73
C VAL A 693 -4.51 16.84 -20.82
N LYS A 694 -4.99 17.15 -22.05
CA LYS A 694 -5.82 18.33 -22.15
CA LYS A 694 -5.90 18.29 -22.27
C LYS A 694 -7.14 18.18 -21.35
N LYS A 695 -7.74 17.01 -21.38
CA LYS A 695 -8.90 16.75 -20.53
C LYS A 695 -8.62 17.02 -19.08
N TYR A 696 -7.46 16.55 -18.58
CA TYR A 696 -7.13 16.82 -17.19
C TYR A 696 -6.91 18.32 -16.92
N ALA A 697 -6.29 19.01 -17.86
CA ALA A 697 -5.98 20.43 -17.63
C ALA A 697 -7.31 21.20 -17.59
N SER A 698 -8.27 20.75 -18.37
CA SER A 698 -9.59 21.40 -18.38
CA SER A 698 -9.57 21.43 -18.38
CA SER A 698 -9.59 21.40 -18.39
C SER A 698 -10.33 21.16 -17.08
N GLU A 699 -10.30 19.93 -16.61
CA GLU A 699 -10.97 19.56 -15.36
C GLU A 699 -10.32 20.11 -14.09
N ARG A 700 -8.98 20.24 -14.08
CA ARG A 700 -8.23 20.52 -12.85
CA ARG A 700 -8.23 20.54 -12.84
C ARG A 700 -7.74 21.96 -12.78
N ASN A 701 -8.07 22.70 -13.84
CA ASN A 701 -7.61 24.07 -14.04
C ASN A 701 -6.09 24.14 -14.22
N GLY A 702 -5.64 23.48 -15.27
CA GLY A 702 -4.20 23.38 -15.55
C GLY A 702 -3.63 22.15 -14.83
N VAL A 703 -2.61 21.58 -15.45
CA VAL A 703 -1.83 20.49 -14.75
C VAL A 703 -0.38 20.65 -15.05
N ASN A 704 0.45 20.24 -14.11
CA ASN A 704 1.88 20.07 -14.40
C ASN A 704 2.08 18.58 -14.55
N VAL A 705 2.80 18.17 -15.59
CA VAL A 705 3.03 16.73 -15.86
C VAL A 705 4.53 16.46 -15.78
N ILE A 706 4.92 15.44 -15.02
CA ILE A 706 6.28 14.93 -15.17
C ILE A 706 6.16 13.51 -15.69
N SER A 707 6.85 13.23 -16.79
CA SER A 707 6.81 11.87 -17.35
C SER A 707 8.20 11.32 -17.55
N GLY A 708 8.28 9.99 -17.62
CA GLY A 708 9.60 9.40 -17.85
C GLY A 708 9.53 7.88 -17.98
N PRO A 709 10.68 7.27 -18.26
CA PRO A 709 10.81 5.83 -18.32
C PRO A 709 11.08 5.23 -16.94
N ILE A 710 10.77 3.94 -16.81
CA ILE A 710 11.18 3.13 -15.66
C ILE A 710 11.75 1.81 -16.16
N PHE A 711 12.82 1.41 -15.48
CA PHE A 711 13.46 0.09 -15.81
C PHE A 711 13.41 -0.75 -14.55
N ASP A 712 12.57 -1.81 -14.58
CA ASP A 712 12.53 -2.71 -13.45
C ASP A 712 12.47 -4.16 -13.97
N TYR A 713 13.57 -4.58 -14.62
CA TYR A 713 13.58 -5.94 -15.18
C TYR A 713 13.60 -7.05 -14.12
N ASN A 714 14.08 -6.79 -12.91
CA ASN A 714 14.04 -7.87 -11.88
C ASN A 714 12.80 -7.71 -10.96
N TYR A 715 11.84 -6.88 -11.39
CA TYR A 715 10.55 -6.69 -10.69
C TYR A 715 10.68 -6.58 -9.15
N ASP A 716 11.66 -5.80 -8.70
CA ASP A 716 11.82 -5.62 -7.23
C ASP A 716 11.20 -4.28 -6.75
N GLY A 717 10.58 -3.56 -7.68
CA GLY A 717 10.09 -2.21 -7.35
C GLY A 717 11.15 -1.13 -7.21
N LEU A 718 12.42 -1.40 -7.56
CA LEU A 718 13.51 -0.46 -7.40
C LEU A 718 14.22 -0.23 -8.72
N ARG A 719 14.67 1.00 -8.93
CA ARG A 719 15.41 1.35 -10.11
C ARG A 719 16.48 0.33 -10.51
N ASP A 720 16.47 -0.10 -11.77
CA ASP A 720 17.55 -1.00 -12.25
C ASP A 720 18.84 -0.21 -12.49
N THR A 721 19.97 -0.83 -12.18
CA THR A 721 21.26 -0.31 -12.67
C THR A 721 21.41 -0.75 -14.14
N GLU A 722 22.37 -0.16 -14.84
CA GLU A 722 22.57 -0.45 -16.26
C GLU A 722 22.81 -1.88 -16.55
N ASP A 723 23.49 -2.56 -15.63
CA ASP A 723 23.80 -3.96 -15.90
C ASP A 723 22.68 -4.94 -15.63
N GLU A 724 21.47 -4.44 -15.29
CA GLU A 724 20.25 -5.27 -15.10
C GLU A 724 19.28 -5.25 -16.27
N ILE A 725 19.57 -4.40 -17.26
CA ILE A 725 18.71 -4.21 -18.43
C ILE A 725 18.71 -5.43 -19.34
N LYS A 726 17.54 -6.00 -19.55
CA LYS A 726 17.50 -7.23 -20.34
C LYS A 726 17.23 -7.02 -21.80
N GLN A 727 16.85 -5.80 -22.23
CA GLN A 727 16.45 -5.60 -23.61
C GLN A 727 16.83 -4.20 -24.08
N TYR A 728 17.36 -4.14 -25.30
CA TYR A 728 17.85 -2.93 -25.94
C TYR A 728 17.19 -2.87 -27.29
N VAL A 729 17.12 -1.66 -27.85
CA VAL A 729 16.68 -1.50 -29.22
C VAL A 729 17.74 -2.22 -30.09
N GLU A 730 17.26 -3.05 -30.99
CA GLU A 730 18.13 -4.02 -31.71
C GLU A 730 19.36 -3.31 -32.26
N GLY A 731 20.53 -3.83 -31.91
CA GLY A 731 21.80 -3.36 -32.44
C GLY A 731 22.30 -2.09 -31.79
N SER A 732 21.74 -1.69 -30.64
CA SER A 732 22.14 -0.41 -30.05
C SER A 732 22.31 -0.57 -28.57
N SER A 733 22.76 0.51 -27.92
CA SER A 733 22.85 0.59 -26.49
C SER A 733 21.62 1.36 -25.92
N ILE A 734 20.56 1.48 -26.70
CA ILE A 734 19.34 2.20 -26.20
C ILE A 734 18.54 1.17 -25.36
N PRO A 735 18.44 1.40 -24.03
CA PRO A 735 17.69 0.40 -23.18
C PRO A 735 16.16 0.50 -23.33
N VAL A 736 15.40 -0.61 -23.23
CA VAL A 736 13.98 -0.49 -23.38
C VAL A 736 13.34 -0.43 -21.99
N PRO A 737 12.54 0.61 -21.74
CA PRO A 737 11.91 0.71 -20.42
C PRO A 737 10.93 -0.44 -20.24
N THR A 738 10.76 -0.87 -19.00
CA THR A 738 9.67 -1.81 -18.69
C THR A 738 8.32 -1.09 -18.47
N HIS A 739 8.38 0.21 -18.14
CA HIS A 739 7.17 0.99 -17.83
C HIS A 739 7.40 2.45 -18.19
N TYR A 740 6.30 3.20 -18.34
CA TYR A 740 6.40 4.66 -18.47
C TYR A 740 5.51 5.27 -17.39
N TYR A 741 6.00 6.30 -16.74
CA TYR A 741 5.21 6.94 -15.63
C TYR A 741 4.79 8.32 -16.03
N SER A 742 3.76 8.82 -15.35
CA SER A 742 3.48 10.27 -15.35
C SER A 742 2.91 10.65 -14.01
N ILE A 743 3.34 11.82 -13.54
CA ILE A 743 2.85 12.39 -12.31
C ILE A 743 2.16 13.70 -12.70
N ILE A 744 0.89 13.82 -12.29
CA ILE A 744 0.02 14.92 -12.83
C ILE A 744 -0.44 15.72 -11.61
N THR A 745 0.07 16.93 -11.50
CA THR A 745 -0.11 17.75 -10.26
C THR A 745 -0.89 19.04 -10.58
N SER A 746 -1.79 19.42 -9.64
CA SER A 746 -2.54 20.68 -9.83
C SER A 746 -2.87 21.20 -8.45
N CYS A 747 -3.66 22.31 -8.39
CA CYS A 747 -3.94 22.94 -7.08
C CYS A 747 -5.14 22.22 -6.44
N LEU A 748 -5.07 21.87 -5.15
CA LEU A 748 -6.20 21.20 -4.51
C LEU A 748 -7.41 22.15 -4.64
N ASP A 749 -7.12 23.44 -4.50
CA ASP A 749 -8.22 24.45 -4.72
C ASP A 749 -8.20 24.78 -6.19
N PHE A 750 -9.07 24.10 -6.90
CA PHE A 750 -9.10 24.18 -8.36
C PHE A 750 -9.61 25.53 -8.90
N THR A 751 -9.97 26.46 -8.00
CA THR A 751 -10.22 27.85 -8.42
C THR A 751 -8.94 28.54 -8.77
N GLN A 752 -7.79 28.00 -8.33
CA GLN A 752 -6.49 28.57 -8.70
C GLN A 752 -5.82 27.66 -9.76
N PRO A 753 -5.20 28.27 -10.77
CA PRO A 753 -4.54 27.55 -11.85
C PRO A 753 -3.32 26.81 -11.28
N ALA A 754 -3.00 25.68 -11.91
CA ALA A 754 -1.88 24.87 -11.43
C ALA A 754 -0.62 25.68 -11.24
N ASP A 755 -0.37 26.62 -12.15
CA ASP A 755 0.89 27.39 -12.11
C ASP A 755 0.85 28.62 -11.19
N LYS A 756 -0.27 28.86 -10.50
CA LYS A 756 -0.38 29.96 -9.52
C LYS A 756 -1.10 29.48 -8.29
N CYS A 757 -0.60 28.41 -7.68
CA CYS A 757 -1.32 27.76 -6.59
C CYS A 757 -0.76 28.17 -5.23
N ASP A 758 -1.60 28.71 -4.36
CA ASP A 758 -1.14 29.19 -3.06
C ASP A 758 -1.08 28.18 -1.94
N GLY A 759 -1.76 27.04 -2.07
CA GLY A 759 -1.95 26.12 -0.96
C GLY A 759 -1.63 24.67 -1.32
N PRO A 760 -2.35 23.74 -0.71
CA PRO A 760 -2.06 22.32 -0.96
C PRO A 760 -2.25 21.89 -2.42
N LEU A 761 -1.57 20.78 -2.75
CA LEU A 761 -1.56 20.28 -4.10
C LEU A 761 -2.44 19.07 -4.18
N SER A 762 -2.76 18.67 -5.42
CA SER A 762 -3.52 17.47 -5.70
C SER A 762 -2.75 16.71 -6.77
N VAL A 763 -2.69 15.39 -6.66
CA VAL A 763 -1.84 14.66 -7.61
C VAL A 763 -2.58 13.40 -8.02
N SER A 764 -2.33 12.97 -9.26
CA SER A 764 -2.62 11.57 -9.64
C SER A 764 -1.45 11.10 -10.48
N SER A 765 -1.15 9.81 -10.44
CA SER A 765 0.02 9.32 -11.18
C SER A 765 -0.28 7.94 -11.71
N PHE A 766 0.51 7.51 -12.68
CA PHE A 766 0.39 6.12 -13.13
C PHE A 766 1.77 5.58 -13.51
N ILE A 767 1.88 4.25 -13.57
CA ILE A 767 3.05 3.53 -14.01
C ILE A 767 2.52 2.50 -15.04
N LEU A 768 2.60 2.85 -16.32
CA LEU A 768 1.95 1.98 -17.32
C LEU A 768 2.97 0.94 -17.75
N PRO A 769 2.57 -0.33 -17.86
CA PRO A 769 3.52 -1.32 -18.39
C PRO A 769 3.77 -1.11 -19.90
N HIS A 770 5.04 -1.22 -20.28
CA HIS A 770 5.43 -1.01 -21.65
C HIS A 770 5.44 -2.34 -22.36
N ARG A 771 4.27 -2.72 -22.84
CA ARG A 771 4.10 -4.07 -23.40
C ARG A 771 3.95 -4.03 -24.94
N PRO A 772 4.41 -5.11 -25.61
CA PRO A 772 4.36 -5.20 -27.06
C PRO A 772 2.99 -5.61 -27.59
N ASP A 773 2.02 -5.89 -26.72
CA ASP A 773 0.64 -6.10 -27.12
C ASP A 773 -0.29 -5.40 -26.15
N ASN A 774 -1.57 -5.36 -26.48
CA ASN A 774 -2.57 -4.88 -25.57
C ASN A 774 -3.45 -6.06 -25.14
N ASP A 775 -2.82 -7.23 -24.95
CA ASP A 775 -3.60 -8.44 -24.50
C ASP A 775 -4.29 -8.21 -23.14
N GLU A 776 -3.72 -7.32 -22.33
CA GLU A 776 -4.36 -6.95 -21.05
C GLU A 776 -5.73 -6.31 -21.22
N SER A 777 -5.94 -5.54 -22.29
CA SER A 777 -7.17 -4.83 -22.49
C SER A 777 -8.02 -5.61 -23.51
N CYS A 778 -9.01 -6.34 -23.00
CA CYS A 778 -9.81 -7.23 -23.87
C CYS A 778 -10.58 -6.47 -24.94
N ASN A 779 -10.78 -5.16 -24.73
CA ASN A 779 -11.50 -4.31 -25.70
CA ASN A 779 -11.50 -4.26 -25.61
C ASN A 779 -10.60 -3.44 -26.55
N SER A 780 -9.32 -3.82 -26.66
CA SER A 780 -8.33 -2.97 -27.37
C SER A 780 -8.55 -2.83 -28.89
N SER A 781 -9.34 -3.71 -29.50
CA SER A 781 -9.61 -3.56 -30.93
CA SER A 781 -9.64 -3.56 -30.93
C SER A 781 -10.53 -2.36 -31.17
N GLU A 782 -11.12 -1.85 -30.10
CA GLU A 782 -12.00 -0.71 -30.16
C GLU A 782 -11.20 0.58 -30.11
N ASP A 783 -11.88 1.71 -30.29
CA ASP A 783 -11.21 3.01 -30.31
C ASP A 783 -10.65 3.22 -28.89
N GLU A 784 -9.46 3.80 -28.79
CA GLU A 784 -8.80 4.11 -27.51
C GLU A 784 -9.75 4.75 -26.44
N SER A 785 -10.79 5.49 -26.89
CA SER A 785 -11.73 6.14 -25.96
C SER A 785 -12.55 5.13 -25.12
N LYS A 786 -12.47 3.86 -25.49
CA LYS A 786 -13.23 2.82 -24.81
C LYS A 786 -12.38 1.91 -23.92
N TRP A 787 -11.06 2.08 -23.93
CA TRP A 787 -10.23 1.18 -23.15
C TRP A 787 -8.96 1.78 -22.53
N VAL A 788 -8.45 2.87 -23.09
CA VAL A 788 -7.15 3.34 -22.62
C VAL A 788 -7.23 3.92 -21.21
N GLU A 789 -8.21 4.77 -20.95
CA GLU A 789 -8.29 5.36 -19.61
C GLU A 789 -8.52 4.27 -18.55
N GLU A 790 -9.30 3.24 -18.92
CA GLU A 790 -9.54 2.08 -18.02
C GLU A 790 -8.19 1.38 -17.66
N LEU A 791 -7.34 1.18 -18.66
CA LEU A 791 -5.98 0.66 -18.43
C LEU A 791 -5.19 1.54 -17.47
N MET A 792 -5.16 2.81 -17.76
CA MET A 792 -4.46 3.75 -16.90
C MET A 792 -4.92 3.74 -15.45
N LYS A 793 -6.25 3.68 -15.24
CA LYS A 793 -6.81 3.59 -13.88
C LYS A 793 -6.32 2.36 -13.15
N MET A 794 -6.25 1.22 -13.85
CA MET A 794 -5.77 0.00 -13.23
C MET A 794 -4.29 0.15 -12.76
N HIS A 795 -3.53 0.98 -13.46
CA HIS A 795 -2.09 1.17 -13.21
C HIS A 795 -1.79 2.52 -12.54
N THR A 796 -2.81 3.00 -11.83
CA THR A 796 -2.65 4.13 -10.94
C THR A 796 -1.48 3.85 -9.92
N ALA A 797 -0.80 4.92 -9.50
CA ALA A 797 0.37 4.78 -8.61
C ALA A 797 0.53 5.91 -7.63
N ARG A 798 1.33 5.68 -6.60
CA ARG A 798 1.73 6.78 -5.72
C ARG A 798 3.00 7.40 -6.30
N VAL A 799 3.23 8.69 -6.03
CA VAL A 799 4.52 9.28 -6.40
C VAL A 799 5.64 8.51 -5.71
N ARG A 800 5.43 8.01 -4.48
CA ARG A 800 6.49 7.27 -3.82
C ARG A 800 6.88 5.99 -4.60
N ASP A 801 5.91 5.39 -5.29
CA ASP A 801 6.18 4.13 -6.06
C ASP A 801 7.15 4.48 -7.19
N ILE A 802 6.92 5.61 -7.84
CA ILE A 802 7.79 6.11 -8.92
C ILE A 802 9.14 6.49 -8.39
N GLU A 803 9.19 7.11 -7.21
CA GLU A 803 10.47 7.44 -6.59
C GLU A 803 11.34 6.17 -6.42
N HIS A 804 10.74 5.13 -5.86
CA HIS A 804 11.51 3.86 -5.67
C HIS A 804 12.03 3.36 -7.03
N LEU A 805 11.16 3.41 -8.04
CA LEU A 805 11.45 2.84 -9.37
C LEU A 805 12.44 3.69 -10.19
N THR A 806 12.67 4.95 -9.78
CA THR A 806 13.52 5.87 -10.59
C THR A 806 14.74 6.42 -9.84
N GLY A 807 14.76 6.35 -8.52
CA GLY A 807 15.85 6.97 -7.72
C GLY A 807 15.73 8.46 -7.81
N LEU A 808 14.51 8.97 -8.05
CA LEU A 808 14.33 10.44 -8.09
C LEU A 808 13.51 10.90 -6.89
N ASP A 809 13.67 12.14 -6.49
CA ASP A 809 12.94 12.69 -5.32
C ASP A 809 12.26 13.96 -5.85
N PHE A 810 10.92 13.98 -5.83
CA PHE A 810 10.11 15.04 -6.41
C PHE A 810 9.65 16.00 -5.31
N TYR A 811 9.04 17.09 -5.78
CA TYR A 811 8.47 18.13 -4.87
C TYR A 811 9.49 18.73 -3.90
N ARG A 812 10.68 19.01 -4.43
CA ARG A 812 11.79 19.48 -3.58
C ARG A 812 11.63 20.98 -3.22
N LYS A 813 10.89 21.72 -4.03
CA LYS A 813 10.76 23.21 -3.83
C LYS A 813 9.32 23.62 -3.92
N THR A 814 8.62 23.51 -2.83
CA THR A 814 7.27 23.94 -2.77
C THR A 814 7.14 24.90 -1.58
N SER A 815 5.96 25.46 -1.41
CA SER A 815 5.74 26.28 -0.20
C SER A 815 5.14 25.46 0.95
N ARG A 816 5.06 24.14 0.77
CA ARG A 816 4.36 23.28 1.75
C ARG A 816 5.34 22.62 2.74
N SER A 817 4.84 22.25 3.92
CA SER A 817 5.64 21.55 4.95
C SER A 817 6.06 20.16 4.41
N TYR A 818 7.22 19.68 4.85
CA TYR A 818 7.76 18.46 4.30
C TYR A 818 6.82 17.27 4.65
N SER A 819 6.25 17.23 5.87
CA SER A 819 5.32 16.14 6.18
CA SER A 819 5.34 16.13 6.20
C SER A 819 4.11 16.14 5.28
N GLU A 820 3.61 17.32 4.91
CA GLU A 820 2.45 17.42 4.02
C GLU A 820 2.83 16.84 2.62
N ILE A 821 4.03 17.16 2.18
CA ILE A 821 4.53 16.65 0.88
C ILE A 821 4.69 15.13 0.99
N LEU A 822 5.16 14.61 2.12
CA LEU A 822 5.26 13.14 2.26
C LEU A 822 3.89 12.49 2.16
N THR A 823 2.89 13.12 2.81
CA THR A 823 1.53 12.61 2.64
C THR A 823 1.08 12.64 1.16
N LEU A 824 1.37 13.72 0.45
CA LEU A 824 1.02 13.84 -0.96
C LEU A 824 1.73 12.74 -1.81
N LYS A 825 2.98 12.45 -1.46
CA LYS A 825 3.73 11.42 -2.22
C LYS A 825 3.18 10.02 -1.95
N THR A 826 2.50 9.81 -0.83
CA THR A 826 1.89 8.48 -0.58
C THR A 826 0.43 8.34 -1.12
N TYR A 827 -0.15 9.44 -1.56
CA TYR A 827 -1.52 9.42 -2.08
C TYR A 827 -1.66 8.47 -3.26
N LEU A 828 -2.76 7.75 -3.28
CA LEU A 828 -3.10 6.95 -4.44
C LEU A 828 -4.49 7.36 -4.95
N HIS A 829 -4.58 7.72 -6.22
CA HIS A 829 -5.92 8.04 -6.77
C HIS A 829 -6.55 6.74 -7.19
N THR A 830 -7.64 6.32 -6.54
N THR A 830 -7.61 6.37 -6.50
CA THR A 830 -8.15 4.91 -6.73
CA THR A 830 -8.40 5.28 -7.00
C THR A 830 -9.27 4.71 -7.77
C THR A 830 -9.59 5.98 -7.64
N TYR A 831 -10.01 5.77 -8.07
N TYR A 831 -10.21 5.29 -8.54
CA TYR A 831 -11.02 5.70 -9.13
CA TYR A 831 -11.32 5.90 -9.20
C TYR A 831 -12.23 4.80 -8.76
C TYR A 831 -12.56 5.29 -8.60
N GLU A 832 -12.39 4.59 -7.46
CA GLU A 832 -13.51 3.87 -6.87
C GLU A 832 -14.51 4.98 -6.49
N SER A 833 -15.80 4.68 -6.46
CA SER A 833 -16.76 5.72 -6.04
C SER A 833 -16.83 5.84 -4.49
N GLU A 834 -17.97 6.29 -3.98
CA GLU A 834 -18.17 6.56 -2.54
C GLU A 834 -18.19 5.29 -1.67
C1 NAG B . 10.37 -2.44 1.26
C2 NAG B . 11.21 -2.15 0.03
C3 NAG B . 12.28 -3.25 -0.02
C4 NAG B . 13.12 -3.33 1.24
C5 NAG B . 12.22 -3.32 2.48
C6 NAG B . 13.04 -3.24 3.77
C7 NAG B . 10.21 -1.15 -2.02
C8 NAG B . 9.37 -1.40 -3.26
N2 NAG B . 10.39 -2.21 -1.18
O3 NAG B . 13.20 -2.99 -1.14
O4 NAG B . 13.78 -4.57 1.22
O5 NAG B . 11.25 -2.27 2.42
O6 NAG B . 13.83 -2.05 3.68
O7 NAG B . 10.67 -0.01 -1.75
C1 NAG B . 15.19 -4.55 1.44
C2 NAG B . 15.59 -5.97 1.92
C3 NAG B . 17.09 -6.03 2.01
C4 NAG B . 17.72 -5.73 0.62
C5 NAG B . 17.19 -4.47 -0.08
C6 NAG B . 17.46 -4.62 -1.63
C7 NAG B . 13.81 -6.90 3.41
C8 NAG B . 13.35 -7.08 4.85
N2 NAG B . 14.98 -6.29 3.23
O3 NAG B . 17.45 -7.33 2.45
O4 NAG B . 19.12 -5.58 0.72
O5 NAG B . 15.80 -4.26 0.17
O6 NAG B . 16.53 -5.51 -2.35
O7 NAG B . 13.06 -7.34 2.51
C1 BMA B . 19.79 -6.84 0.42
C2 BMA B . 21.10 -6.51 -0.31
C3 BMA B . 22.06 -7.72 -0.43
C4 BMA B . 22.20 -8.44 0.93
C5 BMA B . 20.85 -8.72 1.60
C6 BMA B . 20.96 -9.26 3.03
O2 BMA B . 21.63 -5.42 0.42
O3 BMA B . 23.35 -7.35 -0.97
O4 BMA B . 22.83 -9.69 0.74
O5 BMA B . 20.00 -7.58 1.63
O6 BMA B . 19.67 -9.80 3.23
C1 MAN B . 19.43 -10.41 4.52
C2 MAN B . 18.07 -11.17 4.47
C3 MAN B . 16.90 -10.15 4.62
C4 MAN B . 17.13 -9.32 5.88
C5 MAN B . 18.46 -8.55 5.82
C6 MAN B . 18.73 -7.68 7.06
O2 MAN B . 17.92 -12.21 5.46
O3 MAN B . 15.59 -10.71 4.64
O4 MAN B . 16.01 -8.50 6.13
O5 MAN B . 19.54 -9.48 5.61
O6 MAN B . 18.50 -8.39 8.27
C1 MAN B . 15.14 -11.25 3.36
C2 MAN B . 13.61 -11.11 3.20
C3 MAN B . 12.90 -11.99 4.27
C4 MAN B . 13.38 -13.45 4.18
C5 MAN B . 14.91 -13.60 3.98
C6 MAN B . 15.16 -14.99 3.40
O2 MAN B . 13.23 -11.54 1.90
O3 MAN B . 11.49 -12.02 4.08
O4 MAN B . 12.88 -14.15 5.30
O5 MAN B . 15.49 -12.61 3.11
O6 MAN B . 16.52 -15.07 3.10
C1 MAN B . 12.96 -10.44 0.98
C2 MAN B . 12.11 -10.98 -0.18
C3 MAN B . 13.02 -11.88 -1.05
C4 MAN B . 14.34 -11.18 -1.46
C5 MAN B . 15.08 -10.59 -0.23
C6 MAN B . 16.38 -9.84 -0.56
O2 MAN B . 11.60 -9.93 -1.00
O3 MAN B . 12.33 -12.27 -2.20
O4 MAN B . 15.18 -12.09 -2.16
O5 MAN B . 14.16 -9.77 0.52
O6 MAN B . 17.12 -9.65 0.64
C1 MAN B . 23.60 -7.70 -2.37
C2 MAN B . 25.06 -8.22 -2.61
C3 MAN B . 26.14 -7.12 -2.72
C4 MAN B . 25.64 -5.92 -3.51
C5 MAN B . 24.26 -5.54 -2.98
C6 MAN B . 23.80 -4.13 -3.36
O2 MAN B . 25.18 -9.01 -3.80
O3 MAN B . 27.29 -7.60 -3.36
O4 MAN B . 26.56 -4.85 -3.37
O5 MAN B . 23.34 -6.60 -3.25
O6 MAN B . 24.36 -3.22 -2.43
C1 MAN B . 25.60 -10.38 -3.54
C2 MAN B . 26.62 -10.88 -4.62
C3 MAN B . 25.90 -11.04 -6.00
C4 MAN B . 24.63 -11.91 -5.82
C5 MAN B . 23.73 -11.37 -4.67
C6 MAN B . 22.47 -12.19 -4.41
O2 MAN B . 27.28 -12.05 -4.13
O3 MAN B . 26.68 -11.51 -7.13
O4 MAN B . 23.95 -12.00 -7.05
O5 MAN B . 24.48 -11.26 -3.44
O6 MAN B . 22.83 -13.53 -4.11
C11 Y4N C . -2.71 -12.91 14.27
C13 Y4N C . -1.13 -11.13 14.77
C15 Y4N C . -0.97 -12.51 12.73
C16 Y4N C . -2.07 -13.28 13.06
C17 Y4N C . -4.05 -13.52 14.57
C21 Y4N C . 2.22 -19.61 17.05
C22 Y4N C . 2.39 -18.77 15.93
C23 Y4N C . 1.26 -18.23 15.30
C24 Y4N C . 0.91 -19.82 17.51
C25 Y4N C . -0.22 -19.24 16.89
C26 Y4N C . -0.03 -18.43 15.74
C27 Y4N C . -1.17 -17.83 15.13
N1 Y4N C . 10.09 -12.50 12.17
S2 Y4N C . 10.37 -13.28 13.63
C3 Y4N C . 9.13 -14.45 13.70
C4 Y4N C . 7.72 -13.85 13.71
C5 Y4N C . 6.67 -14.95 13.70
C6 Y4N C . 6.60 -15.64 15.07
N7 Y4N C . 6.04 -16.91 15.07
O8 Y4N C . 7.03 -15.09 16.12
O9 Y4N C . 11.66 -14.02 13.54
O10 Y4N C . 10.20 -12.31 14.63
C12 Y4N C . -2.23 -11.86 15.10
C14 Y4N C . -0.49 -11.46 13.57
N18 Y4N C . -4.08 -14.97 14.40
CL19 Y4N C . -0.20 -12.74 11.21
CL20 Y4N C . 0.94 -10.57 13.10
N28 Y4N C . -2.43 -18.00 15.75
C29 Y4N C . -2.56 -18.82 16.93
N30 Y4N C . -1.48 -19.39 17.46
N31 Y4N C . 3.72 -18.43 15.57
C32 Y4N C . 4.52 -17.84 16.71
C33 Y4N C . 6.02 -17.67 16.33
C34 Y4N C . 5.39 -17.62 13.96
C35 Y4N C . 3.87 -17.70 14.25
C36 Y4N C . -3.65 -17.33 15.24
C37 Y4N C . -3.51 -15.78 15.42
O38 Y4N C . -2.87 -15.30 16.36
O39 Y4N C . -1.11 -17.13 14.06
O1 MES D . -8.32 -22.84 0.63
C2 MES D . -7.24 -22.57 1.55
C3 MES D . -6.78 -21.11 1.38
N4 MES D . -6.46 -20.76 -0.04
C5 MES D . -7.51 -21.19 -0.99
C6 MES D . -7.97 -22.65 -0.74
C7 MES D . -6.22 -19.31 -0.20
C8 MES D . -4.80 -18.92 0.26
S MES D . -4.20 -17.39 -0.21
O1S MES D . -4.45 -16.43 0.91
O2S MES D . -2.76 -17.57 -0.37
O3S MES D . -4.88 -17.03 -1.47
C ACT E . -12.02 -5.62 -9.22
O ACT E . -11.80 -4.40 -9.49
OXT ACT E . -13.20 -6.02 -9.19
CH3 ACT E . -10.90 -6.60 -8.91
CA CA F . -8.65 -11.40 8.18
ZN ZN G . -11.66 -14.20 6.24
NA NA H . -6.48 -6.68 -26.43
CA CA I . 14.77 -3.33 -10.24
NA NA J . 11.14 -0.11 -35.84
#